data_8BGY
#
_entry.id   8BGY
#
_cell.length_a   63.130
_cell.length_b   77.260
_cell.length_c   166.880
_cell.angle_alpha   90.000
_cell.angle_beta   95.490
_cell.angle_gamma   90.000
#
_symmetry.space_group_name_H-M   'P 1 21 1'
#
loop_
_entity.id
_entity.type
_entity.pdbx_description
1 polymer 'Methyltransferase Plu4890'
2 non-polymer S-ADENOSYL-L-HOMOCYSTEINE
3 non-polymer 1,3-dimethoxy-8-oxidanyl-anthracene-9,10-dione
4 non-polymer 'CHLORIDE ION'
5 non-polymer 'SODIUM ION'
6 water water
#
_entity_poly.entity_id   1
_entity_poly.type   'polypeptide(L)'
_entity_poly.pdbx_seq_one_letter_code
;SMLTELIASNRRSAAIHAFVDTGLSTHFKDGIYVDISELSRKSGVNYARFSRLCDFLVEMGVLVSNDNKFRLSDECHVFA
NPESFESFMIKLEICSHYSNAWLMYGKSLFEDDGKSAFEMAHGRPFFEYLDGNKFLKSNFDALMTRVSNLIVEKLLGIYD
FNQHNRILDVGGGEGELLVRISEKVKGKHYAVLDRYSELPVSDNIDFINGNFLNSIPSGYDLYILKNVLHNWSDSDSILI
LENFRKAMDKNSSLLLINMVKEPEFSRSFDILMDVLFLGKERSFTEFEYLANQAGLVVQETKVIDQSYSPYSFIKLQIK
;
_entity_poly.pdbx_strand_id   A,B,C,D
#
# COMPACT_ATOMS: atom_id res chain seq x y z
N SER A 1 -1.05 22.28 8.40
CA SER A 1 -0.74 23.72 8.15
C SER A 1 -1.77 24.61 8.86
N MET A 2 -1.61 25.93 8.75
CA MET A 2 -2.53 26.94 9.33
C MET A 2 -3.77 27.08 8.44
N LEU A 3 -3.61 26.97 7.12
CA LEU A 3 -4.70 27.20 6.13
C LEU A 3 -5.68 26.02 6.13
N THR A 4 -5.19 24.78 6.10
CA THR A 4 -6.00 23.54 6.00
C THR A 4 -6.84 23.36 7.28
N GLU A 5 -6.28 23.72 8.45
CA GLU A 5 -6.98 23.63 9.75
C GLU A 5 -7.98 24.79 9.89
N LEU A 6 -7.71 25.93 9.22
CA LEU A 6 -8.66 27.07 9.13
C LEU A 6 -9.85 26.66 8.26
N ILE A 7 -9.58 26.02 7.12
CA ILE A 7 -10.62 25.41 6.23
C ILE A 7 -11.46 24.42 7.05
N ALA A 8 -10.81 23.66 7.94
CA ALA A 8 -11.41 22.60 8.76
C ALA A 8 -11.85 23.13 10.13
N SER A 9 -12.18 24.43 10.23
CA SER A 9 -12.65 25.08 11.48
C SER A 9 -13.97 24.45 11.93
N ASN A 10 -14.84 24.08 10.98
CA ASN A 10 -16.15 23.42 11.23
C ASN A 10 -16.00 22.21 12.16
N ARG A 11 -14.88 21.48 12.05
CA ARG A 11 -14.62 20.23 12.82
C ARG A 11 -14.59 20.53 14.33
N ARG A 12 -14.15 21.73 14.72
CA ARG A 12 -14.08 22.17 16.14
C ARG A 12 -15.51 22.30 16.69
N SER A 13 -16.40 22.98 15.95
CA SER A 13 -17.84 23.16 16.29
C SER A 13 -18.52 21.79 16.38
N ALA A 14 -18.29 20.92 15.38
CA ALA A 14 -18.93 19.60 15.25
C ALA A 14 -18.50 18.67 16.39
N ALA A 15 -17.24 18.76 16.81
CA ALA A 15 -16.65 17.98 17.93
C ALA A 15 -17.34 18.37 19.25
N ILE A 16 -17.47 19.68 19.49
CA ILE A 16 -18.12 20.25 20.72
C ILE A 16 -19.60 19.85 20.72
N HIS A 17 -20.27 19.93 19.57
CA HIS A 17 -21.70 19.56 19.38
C HIS A 17 -21.91 18.10 19.83
N ALA A 18 -21.09 17.18 19.34
CA ALA A 18 -21.14 15.73 19.68
C ALA A 18 -20.98 15.54 21.19
N PHE A 19 -20.09 16.31 21.82
CA PHE A 19 -19.74 16.22 23.26
C PHE A 19 -20.89 16.77 24.11
N VAL A 20 -21.53 17.86 23.66
CA VAL A 20 -22.56 18.63 24.45
C VAL A 20 -23.96 18.10 24.12
N ASP A 21 -24.30 17.95 22.83
CA ASP A 21 -25.66 17.60 22.35
C ASP A 21 -26.09 16.22 22.89
N THR A 22 -25.13 15.30 23.02
CA THR A 22 -25.37 13.91 23.55
C THR A 22 -25.64 13.96 25.06
N GLY A 23 -25.13 14.98 25.74
CA GLY A 23 -25.22 15.15 27.21
C GLY A 23 -24.06 14.49 27.93
N LEU A 24 -23.01 14.09 27.20
CA LEU A 24 -21.78 13.49 27.76
C LEU A 24 -21.06 14.54 28.62
N SER A 25 -21.12 15.82 28.22
CA SER A 25 -20.50 16.98 28.91
C SER A 25 -21.12 17.19 30.30
N THR A 26 -22.36 16.73 30.51
CA THR A 26 -23.12 16.91 31.79
C THR A 26 -22.55 15.99 32.89
N HIS A 27 -21.61 15.11 32.56
CA HIS A 27 -20.92 14.20 33.52
C HIS A 27 -19.65 14.87 34.07
N PHE A 28 -19.39 16.13 33.69
CA PHE A 28 -18.16 16.89 34.04
C PHE A 28 -18.53 18.13 34.89
N LYS A 29 -19.53 17.99 35.78
CA LYS A 29 -20.03 19.09 36.65
C LYS A 29 -18.99 19.39 37.75
N ASP A 30 -18.87 20.65 38.15
CA ASP A 30 -18.09 21.14 39.31
C ASP A 30 -16.59 20.83 39.11
N GLY A 31 -16.12 20.84 37.86
CA GLY A 31 -14.70 20.67 37.49
C GLY A 31 -14.10 19.38 38.02
N ILE A 32 -14.88 18.30 38.10
CA ILE A 32 -14.41 16.95 38.55
C ILE A 32 -13.59 16.32 37.41
N TYR A 33 -12.61 15.48 37.75
CA TYR A 33 -11.83 14.66 36.81
C TYR A 33 -12.57 13.34 36.56
N VAL A 34 -12.97 13.10 35.31
CA VAL A 34 -13.81 11.95 34.89
C VAL A 34 -12.90 10.85 34.34
N ASP A 35 -13.07 9.61 34.83
CA ASP A 35 -12.47 8.38 34.26
C ASP A 35 -13.33 7.97 33.06
N ILE A 36 -12.77 8.05 31.84
CA ILE A 36 -13.50 7.87 30.55
C ILE A 36 -13.95 6.40 30.43
N SER A 37 -13.14 5.45 30.90
CA SER A 37 -13.45 4.00 30.88
C SER A 37 -14.70 3.72 31.72
N GLU A 38 -14.85 4.40 32.86
CA GLU A 38 -16.01 4.26 33.78
C GLU A 38 -17.24 4.94 33.15
N LEU A 39 -17.07 6.13 32.57
CA LEU A 39 -18.14 6.88 31.85
C LEU A 39 -18.65 6.03 30.67
N SER A 40 -17.75 5.31 30.01
CA SER A 40 -18.05 4.42 28.85
C SER A 40 -18.91 3.23 29.31
N ARG A 41 -18.55 2.58 30.43
CA ARG A 41 -19.28 1.43 31.02
C ARG A 41 -20.67 1.89 31.49
N LYS A 42 -20.77 3.11 32.03
CA LYS A 42 -22.02 3.69 32.59
C LYS A 42 -22.96 4.10 31.45
N SER A 43 -22.50 5.00 30.58
CA SER A 43 -23.31 5.67 29.53
C SER A 43 -23.42 4.80 28.27
N GLY A 44 -22.57 3.78 28.13
CA GLY A 44 -22.57 2.85 26.97
C GLY A 44 -22.01 3.52 25.72
N VAL A 45 -21.11 4.50 25.89
CA VAL A 45 -20.37 5.18 24.77
C VAL A 45 -19.10 4.37 24.49
N ASN A 46 -18.68 4.29 23.23
CA ASN A 46 -17.47 3.54 22.80
C ASN A 46 -16.23 4.24 23.40
N TYR A 47 -15.46 3.51 24.21
CA TYR A 47 -14.31 4.02 25.01
C TYR A 47 -13.23 4.58 24.08
N ALA A 48 -12.71 3.73 23.17
CA ALA A 48 -11.60 4.03 22.26
C ALA A 48 -11.92 5.28 21.43
N ARG A 49 -13.14 5.36 20.87
CA ARG A 49 -13.57 6.42 19.93
C ARG A 49 -13.86 7.72 20.69
N PHE A 50 -14.43 7.64 21.90
CA PHE A 50 -14.70 8.81 22.76
C PHE A 50 -13.40 9.35 23.35
N SER A 51 -12.43 8.47 23.62
CA SER A 51 -11.06 8.84 24.10
C SER A 51 -10.37 9.71 23.04
N ARG A 52 -10.57 9.40 21.75
CA ARG A 52 -10.01 10.16 20.60
C ARG A 52 -10.68 11.53 20.51
N LEU A 53 -11.99 11.62 20.76
CA LEU A 53 -12.75 12.89 20.80
C LEU A 53 -12.21 13.77 21.94
N CYS A 54 -12.01 13.18 23.12
CA CYS A 54 -11.48 13.86 24.33
C CYS A 54 -10.09 14.45 24.05
N ASP A 55 -9.24 13.72 23.31
CA ASP A 55 -7.88 14.16 22.91
C ASP A 55 -7.98 15.44 22.06
N PHE A 56 -8.99 15.52 21.18
CA PHE A 56 -9.24 16.68 20.28
C PHE A 56 -9.84 17.83 21.10
N LEU A 57 -10.65 17.52 22.12
CA LEU A 57 -11.24 18.54 23.05
C LEU A 57 -10.14 19.13 23.92
N VAL A 58 -9.13 18.35 24.30
CA VAL A 58 -7.93 18.82 25.06
C VAL A 58 -7.14 19.80 24.17
N GLU A 59 -6.93 19.44 22.90
CA GLU A 59 -6.23 20.29 21.89
C GLU A 59 -6.96 21.64 21.77
N MET A 60 -8.29 21.64 21.76
CA MET A 60 -9.15 22.85 21.66
C MET A 60 -9.13 23.64 22.98
N GLY A 61 -8.76 22.99 24.08
CA GLY A 61 -8.72 23.59 25.43
C GLY A 61 -10.07 23.50 26.14
N VAL A 62 -10.96 22.63 25.63
CA VAL A 62 -12.31 22.37 26.23
C VAL A 62 -12.13 21.45 27.45
N LEU A 63 -11.31 20.42 27.32
CA LEU A 63 -10.96 19.47 28.41
C LEU A 63 -9.51 19.68 28.85
N VAL A 64 -9.17 19.22 30.05
CA VAL A 64 -7.80 19.25 30.64
C VAL A 64 -7.45 17.82 31.10
N SER A 65 -6.30 17.30 30.70
CA SER A 65 -5.84 15.91 30.93
C SER A 65 -4.86 15.85 32.11
N ASN A 66 -5.21 15.07 33.16
CA ASN A 66 -4.36 14.82 34.36
C ASN A 66 -4.84 13.55 35.07
N ASP A 67 -3.90 12.74 35.56
CA ASP A 67 -4.15 11.52 36.38
C ASP A 67 -4.96 10.50 35.56
N ASN A 68 -4.73 10.44 34.25
CA ASN A 68 -5.42 9.54 33.29
C ASN A 68 -6.94 9.80 33.35
N LYS A 69 -7.32 11.07 33.54
CA LYS A 69 -8.74 11.53 33.60
C LYS A 69 -8.85 12.89 32.89
N PHE A 70 -10.09 13.36 32.68
CA PHE A 70 -10.39 14.63 31.98
C PHE A 70 -11.40 15.45 32.79
N ARG A 71 -11.15 16.75 32.92
CA ARG A 71 -12.10 17.75 33.47
C ARG A 71 -12.35 18.84 32.41
N LEU A 72 -13.53 19.46 32.44
CA LEU A 72 -13.83 20.70 31.66
C LEU A 72 -12.91 21.81 32.19
N SER A 73 -12.32 22.59 31.27
CA SER A 73 -11.55 23.82 31.59
C SER A 73 -12.47 24.81 32.33
N ASP A 74 -11.90 25.69 33.15
CA ASP A 74 -12.65 26.70 33.97
C ASP A 74 -13.66 27.43 33.07
N GLU A 75 -13.22 27.87 31.89
CA GLU A 75 -14.03 28.63 30.91
C GLU A 75 -15.20 27.78 30.40
N CYS A 76 -14.97 26.47 30.20
CA CYS A 76 -15.92 25.53 29.55
C CYS A 76 -16.77 24.77 30.57
N HIS A 77 -16.83 25.25 31.82
CA HIS A 77 -17.68 24.67 32.91
C HIS A 77 -19.15 24.73 32.50
N VAL A 78 -19.51 25.72 31.67
CA VAL A 78 -20.90 25.99 31.16
C VAL A 78 -21.44 24.77 30.41
N PHE A 79 -20.57 23.99 29.75
CA PHE A 79 -20.96 22.80 28.94
C PHE A 79 -21.51 21.68 29.84
N ALA A 80 -21.18 21.68 31.13
CA ALA A 80 -21.71 20.72 32.14
C ALA A 80 -23.17 21.04 32.46
N ASN A 81 -23.60 22.28 32.20
CA ASN A 81 -24.99 22.76 32.45
C ASN A 81 -25.75 22.79 31.13
N PRO A 82 -26.78 21.92 30.93
CA PRO A 82 -27.57 21.94 29.70
C PRO A 82 -28.52 23.14 29.63
N GLU A 83 -28.63 23.90 30.73
CA GLU A 83 -29.49 25.11 30.85
C GLU A 83 -28.71 26.36 30.43
N SER A 84 -27.37 26.27 30.33
CA SER A 84 -26.48 27.39 29.94
C SER A 84 -26.77 27.82 28.51
N PHE A 85 -26.56 29.11 28.20
CA PHE A 85 -26.82 29.71 26.86
C PHE A 85 -25.88 29.07 25.83
N GLU A 86 -24.67 28.66 26.26
CA GLU A 86 -23.64 28.01 25.41
C GLU A 86 -24.15 26.66 24.89
N SER A 87 -24.89 25.92 25.73
CA SER A 87 -25.49 24.60 25.38
C SER A 87 -26.51 24.76 24.25
N PHE A 88 -27.36 25.79 24.33
CA PHE A 88 -28.40 26.11 23.31
C PHE A 88 -27.73 26.67 22.05
N MET A 89 -26.62 27.40 22.20
CA MET A 89 -25.88 28.03 21.08
C MET A 89 -25.37 26.96 20.12
N ILE A 90 -24.61 25.98 20.63
CA ILE A 90 -23.96 24.91 19.82
C ILE A 90 -25.03 24.04 19.16
N LYS A 91 -26.16 23.82 19.85
CA LYS A 91 -27.30 23.01 19.34
C LYS A 91 -27.91 23.67 18.10
N LEU A 92 -27.86 25.00 18.01
CA LEU A 92 -28.37 25.79 16.85
C LEU A 92 -27.25 26.00 15.82
N GLU A 93 -26.03 26.27 16.29
CA GLU A 93 -24.88 26.76 15.46
C GLU A 93 -24.73 25.90 14.20
N ILE A 94 -24.65 24.57 14.34
CA ILE A 94 -24.36 23.64 13.21
C ILE A 94 -25.56 22.70 12.96
N CYS A 95 -26.76 23.09 13.37
CA CYS A 95 -28.02 22.35 13.05
C CYS A 95 -28.26 22.43 11.54
N SER A 96 -28.95 21.44 10.97
CA SER A 96 -29.13 21.25 9.51
C SER A 96 -29.64 22.53 8.84
N HIS A 97 -30.56 23.24 9.49
CA HIS A 97 -31.22 24.47 8.96
C HIS A 97 -30.19 25.60 8.80
N TYR A 98 -29.35 25.80 9.82
CA TYR A 98 -28.25 26.81 9.82
C TYR A 98 -27.23 26.44 8.72
N SER A 99 -26.78 25.19 8.72
CA SER A 99 -25.80 24.62 7.76
C SER A 99 -26.29 24.83 6.32
N ASN A 100 -27.56 24.51 6.05
CA ASN A 100 -28.19 24.60 4.70
C ASN A 100 -28.32 26.09 4.30
N ALA A 101 -28.54 26.97 5.29
CA ALA A 101 -28.57 28.44 5.10
C ALA A 101 -27.18 28.94 4.67
N TRP A 102 -26.13 28.50 5.38
CA TRP A 102 -24.70 28.83 5.08
C TRP A 102 -24.34 28.39 3.66
N LEU A 103 -24.88 27.27 3.19
CA LEU A 103 -24.59 26.70 1.84
C LEU A 103 -25.23 27.56 0.75
N MET A 104 -26.20 28.42 1.09
CA MET A 104 -26.89 29.34 0.15
C MET A 104 -26.32 30.76 0.27
N TYR A 105 -25.37 30.98 1.19
CA TYR A 105 -24.76 32.30 1.49
C TYR A 105 -24.06 32.86 0.24
N GLY A 106 -23.18 32.05 -0.37
CA GLY A 106 -22.45 32.41 -1.60
C GLY A 106 -23.38 32.92 -2.69
N LYS A 107 -24.43 32.14 -2.99
CA LYS A 107 -25.43 32.45 -4.05
C LYS A 107 -26.23 33.70 -3.67
N SER A 108 -26.54 33.88 -2.38
CA SER A 108 -27.37 34.99 -1.84
C SER A 108 -26.71 36.35 -2.12
N LEU A 109 -25.39 36.40 -2.22
CA LEU A 109 -24.59 37.64 -2.46
C LEU A 109 -24.82 38.17 -3.88
N PHE A 110 -25.33 37.33 -4.80
CA PHE A 110 -25.58 37.67 -6.23
C PHE A 110 -27.06 37.97 -6.47
N GLU A 111 -27.91 37.86 -5.45
CA GLU A 111 -29.38 38.09 -5.54
C GLU A 111 -29.72 39.50 -5.02
N ASP A 112 -30.80 40.09 -5.54
CA ASP A 112 -31.28 41.46 -5.21
C ASP A 112 -32.79 41.42 -4.92
N ASP A 113 -33.30 40.28 -4.48
CA ASP A 113 -34.76 40.03 -4.24
C ASP A 113 -35.10 40.27 -2.76
N GLY A 114 -34.08 40.55 -1.92
CA GLY A 114 -34.25 40.77 -0.47
C GLY A 114 -34.59 39.49 0.26
N LYS A 115 -34.18 38.33 -0.27
CA LYS A 115 -34.37 36.99 0.35
C LYS A 115 -33.03 36.53 0.95
N SER A 116 -33.03 36.29 2.26
CA SER A 116 -31.86 35.77 3.04
C SER A 116 -31.48 34.38 2.52
N ALA A 117 -30.23 33.96 2.78
CA ALA A 117 -29.71 32.61 2.47
C ALA A 117 -30.58 31.55 3.14
N PHE A 118 -31.09 31.84 4.34
CA PHE A 118 -32.02 30.97 5.11
C PHE A 118 -33.32 30.77 4.33
N GLU A 119 -33.90 31.87 3.83
CA GLU A 119 -35.19 31.86 3.08
C GLU A 119 -34.99 31.11 1.74
N MET A 120 -33.85 31.33 1.07
CA MET A 120 -33.49 30.65 -0.20
C MET A 120 -33.43 29.13 0.03
N ALA A 121 -33.00 28.70 1.22
CA ALA A 121 -32.82 27.28 1.60
C ALA A 121 -34.16 26.66 2.03
N HIS A 122 -34.98 27.42 2.78
CA HIS A 122 -36.14 26.88 3.56
C HIS A 122 -37.50 27.38 3.03
N GLY A 123 -37.52 28.47 2.26
CA GLY A 123 -38.73 28.95 1.55
C GLY A 123 -39.50 30.02 2.30
N ARG A 124 -39.12 30.31 3.55
CA ARG A 124 -39.69 31.41 4.37
C ARG A 124 -38.58 32.16 5.08
N PRO A 125 -38.79 33.44 5.47
CA PRO A 125 -37.85 34.13 6.37
C PRO A 125 -37.79 33.44 7.74
N PHE A 126 -36.71 33.69 8.47
CA PHE A 126 -36.29 32.95 9.70
C PHE A 126 -37.47 32.78 10.67
N PHE A 127 -38.05 33.89 11.14
CA PHE A 127 -39.05 33.92 12.24
C PHE A 127 -40.37 33.29 11.78
N GLU A 128 -40.76 33.50 10.52
CA GLU A 128 -41.99 32.89 9.92
C GLU A 128 -41.81 31.37 9.83
N TYR A 129 -40.59 30.89 9.55
CA TYR A 129 -40.25 29.45 9.47
C TYR A 129 -40.29 28.82 10.87
N LEU A 130 -39.78 29.54 11.88
CA LEU A 130 -39.71 29.08 13.29
C LEU A 130 -41.12 28.79 13.82
N ASP A 131 -42.15 29.47 13.30
CA ASP A 131 -43.58 29.25 13.66
C ASP A 131 -43.96 27.77 13.43
N GLY A 132 -43.40 27.14 12.41
CA GLY A 132 -43.73 25.76 11.99
C GLY A 132 -42.71 24.73 12.45
N ASN A 133 -41.64 25.15 13.14
CA ASN A 133 -40.53 24.26 13.58
C ASN A 133 -40.30 24.43 15.09
N LYS A 134 -40.71 23.43 15.88
CA LYS A 134 -40.59 23.43 17.37
C LYS A 134 -39.13 23.45 17.81
N PHE A 135 -38.28 22.64 17.17
CA PHE A 135 -36.84 22.50 17.49
C PHE A 135 -36.15 23.87 17.43
N LEU A 136 -36.26 24.56 16.29
CA LEU A 136 -35.62 25.89 16.04
C LEU A 136 -36.17 26.92 17.03
N LYS A 137 -37.50 27.02 17.14
CA LYS A 137 -38.20 28.06 17.95
C LYS A 137 -37.85 27.90 19.43
N SER A 138 -38.08 26.71 19.99
CA SER A 138 -37.85 26.39 21.43
C SER A 138 -36.39 26.67 21.81
N ASN A 139 -35.44 26.21 20.99
CA ASN A 139 -33.98 26.33 21.25
C ASN A 139 -33.53 27.79 21.07
N PHE A 140 -34.07 28.50 20.07
CA PHE A 140 -33.76 29.93 19.81
C PHE A 140 -34.33 30.80 20.94
N ASP A 141 -35.62 30.61 21.26
CA ASP A 141 -36.33 31.36 22.34
C ASP A 141 -35.63 31.10 23.69
N ALA A 142 -35.13 29.88 23.90
CA ALA A 142 -34.36 29.47 25.11
C ALA A 142 -33.05 30.26 25.16
N LEU A 143 -32.32 30.32 24.04
CA LEU A 143 -31.03 31.04 23.91
C LEU A 143 -31.22 32.52 24.26
N MET A 144 -32.25 33.16 23.69
CA MET A 144 -32.60 34.60 23.91
C MET A 144 -32.94 34.82 25.39
N THR A 145 -33.67 33.89 26.01
CA THR A 145 -34.06 33.92 27.44
C THR A 145 -32.81 33.90 28.33
N ARG A 146 -31.83 33.05 28.02
CA ARG A 146 -30.60 32.85 28.84
C ARG A 146 -29.73 34.13 28.78
N VAL A 147 -29.51 34.68 27.59
CA VAL A 147 -28.67 35.91 27.40
C VAL A 147 -29.39 37.12 28.00
N SER A 148 -30.73 37.16 27.92
CA SER A 148 -31.58 38.20 28.58
C SER A 148 -31.36 38.15 30.09
N ASN A 149 -31.34 36.94 30.67
CA ASN A 149 -31.17 36.69 32.13
C ASN A 149 -29.81 37.22 32.60
N LEU A 150 -28.78 37.09 31.77
CA LEU A 150 -27.36 37.41 32.14
C LEU A 150 -27.17 38.93 32.27
N ILE A 151 -27.87 39.74 31.46
CA ILE A 151 -27.62 41.21 31.34
C ILE A 151 -28.52 42.00 32.30
N VAL A 152 -29.49 41.34 32.96
CA VAL A 152 -30.54 42.01 33.78
C VAL A 152 -29.86 42.82 34.89
N GLU A 153 -28.98 42.19 35.68
CA GLU A 153 -28.31 42.77 36.87
C GLU A 153 -27.48 43.99 36.44
N LYS A 154 -26.76 43.88 35.32
CA LYS A 154 -25.89 44.95 34.75
C LYS A 154 -26.77 46.13 34.28
N LEU A 155 -27.88 45.81 33.61
CA LEU A 155 -28.82 46.79 33.00
C LEU A 155 -29.49 47.64 34.09
N LEU A 156 -29.96 46.99 35.17
CA LEU A 156 -30.61 47.64 36.34
C LEU A 156 -29.62 48.56 37.04
N GLY A 157 -28.33 48.23 37.01
CA GLY A 157 -27.24 48.97 37.69
C GLY A 157 -26.93 50.31 37.05
N ILE A 158 -27.08 50.42 35.72
CA ILE A 158 -26.59 51.58 34.92
C ILE A 158 -27.74 52.53 34.56
N TYR A 159 -29.01 52.13 34.79
CA TYR A 159 -30.21 52.93 34.47
C TYR A 159 -31.28 52.76 35.56
N ASP A 160 -31.96 53.85 35.91
CA ASP A 160 -33.03 53.90 36.94
C ASP A 160 -34.38 53.60 36.29
N PHE A 161 -34.92 52.41 36.53
CA PHE A 161 -36.21 51.91 35.99
C PHE A 161 -37.37 52.35 36.92
N ASN A 162 -37.05 52.79 38.15
CA ASN A 162 -38.03 53.18 39.19
C ASN A 162 -38.76 54.47 38.79
N GLN A 163 -38.08 55.38 38.07
CA GLN A 163 -38.65 56.68 37.63
C GLN A 163 -39.84 56.46 36.70
N HIS A 164 -39.87 55.32 36.00
CA HIS A 164 -40.90 54.97 34.98
C HIS A 164 -42.12 54.32 35.64
N ASN A 165 -43.25 54.30 34.91
CA ASN A 165 -44.58 53.81 35.38
C ASN A 165 -45.02 52.62 34.51
N ARG A 166 -45.15 52.86 33.20
CA ARG A 166 -45.61 51.87 32.19
C ARG A 166 -44.44 51.49 31.27
N ILE A 167 -44.06 50.20 31.25
CA ILE A 167 -42.87 49.68 30.52
C ILE A 167 -43.31 48.63 29.51
N LEU A 168 -42.91 48.78 28.24
CA LEU A 168 -43.17 47.82 27.14
C LEU A 168 -41.83 47.32 26.58
N ASP A 169 -41.65 45.99 26.51
CA ASP A 169 -40.49 45.33 25.85
C ASP A 169 -40.94 44.81 24.48
N VAL A 170 -40.52 45.50 23.41
CA VAL A 170 -40.91 45.20 22.00
C VAL A 170 -39.96 44.13 21.45
N GLY A 171 -40.52 43.04 20.91
CA GLY A 171 -39.78 41.83 20.50
C GLY A 171 -39.09 41.19 21.69
N GLY A 172 -39.81 41.05 22.82
CA GLY A 172 -39.26 40.60 24.12
C GLY A 172 -39.21 39.08 24.23
N GLY A 173 -39.70 38.35 23.21
CA GLY A 173 -39.68 36.88 23.16
C GLY A 173 -40.54 36.25 24.23
N GLU A 174 -39.95 35.41 25.09
CA GLU A 174 -40.65 34.74 26.22
C GLU A 174 -40.89 35.75 27.35
N GLY A 175 -40.20 36.91 27.30
CA GLY A 175 -40.41 38.05 28.21
C GLY A 175 -39.54 37.98 29.45
N GLU A 176 -38.41 37.26 29.37
CA GLU A 176 -37.49 36.99 30.51
C GLU A 176 -36.96 38.31 31.07
N LEU A 177 -36.57 39.26 30.22
CA LEU A 177 -35.96 40.56 30.62
C LEU A 177 -36.86 41.26 31.65
N LEU A 178 -38.13 41.51 31.28
CA LEU A 178 -39.09 42.29 32.12
C LEU A 178 -39.52 41.46 33.33
N VAL A 179 -39.64 40.13 33.18
CA VAL A 179 -40.02 39.20 34.29
C VAL A 179 -38.99 39.35 35.43
N ARG A 180 -37.70 39.43 35.11
CA ARG A 180 -36.60 39.54 36.10
C ARG A 180 -36.49 40.98 36.61
N ILE A 181 -36.75 41.98 35.74
CA ILE A 181 -36.75 43.43 36.11
C ILE A 181 -37.90 43.71 37.10
N SER A 182 -39.06 43.10 36.86
CA SER A 182 -40.31 43.32 37.66
C SER A 182 -40.14 42.78 39.08
N GLU A 183 -39.31 41.75 39.27
CA GLU A 183 -39.05 41.11 40.59
C GLU A 183 -38.28 42.08 41.50
N LYS A 184 -37.43 42.93 40.92
CA LYS A 184 -36.57 43.90 41.66
C LYS A 184 -37.20 45.30 41.61
N VAL A 185 -37.96 45.62 40.56
CA VAL A 185 -38.69 46.91 40.39
C VAL A 185 -40.19 46.63 40.41
N LYS A 186 -40.82 46.69 41.59
CA LYS A 186 -42.25 46.35 41.82
C LYS A 186 -43.13 47.58 41.59
N GLY A 187 -44.45 47.36 41.43
CA GLY A 187 -45.48 48.41 41.38
C GLY A 187 -45.47 49.19 40.08
N LYS A 188 -45.13 48.54 38.96
CA LYS A 188 -45.14 49.12 37.59
C LYS A 188 -46.07 48.27 36.71
N HIS A 189 -46.57 48.85 35.61
CA HIS A 189 -47.29 48.12 34.53
C HIS A 189 -46.26 47.59 33.53
N TYR A 190 -46.18 46.26 33.39
CA TYR A 190 -45.21 45.55 32.51
C TYR A 190 -45.96 44.89 31.35
N ALA A 191 -45.50 45.17 30.12
CA ALA A 191 -46.04 44.62 28.85
C ALA A 191 -44.90 44.09 27.99
N VAL A 192 -45.12 42.98 27.29
CA VAL A 192 -44.14 42.35 26.35
C VAL A 192 -44.83 42.11 25.02
N LEU A 193 -44.34 42.74 23.94
CA LEU A 193 -44.88 42.59 22.56
C LEU A 193 -43.95 41.67 21.75
N ASP A 194 -44.53 40.67 21.07
CA ASP A 194 -43.83 39.75 20.14
C ASP A 194 -44.89 39.07 19.26
N ARG A 195 -44.48 38.10 18.43
CA ARG A 195 -45.38 37.31 17.57
C ARG A 195 -45.76 36.02 18.30
N TYR A 196 -46.98 35.98 18.86
CA TYR A 196 -47.54 34.84 19.64
C TYR A 196 -48.75 34.25 18.93
N SER A 197 -48.72 32.94 18.63
CA SER A 197 -49.88 32.13 18.21
C SER A 197 -50.74 31.82 19.45
N GLU A 198 -50.09 31.66 20.61
CA GLU A 198 -50.72 31.54 21.95
C GLU A 198 -49.99 32.48 22.91
N LEU A 199 -50.71 33.39 23.57
CA LEU A 199 -50.15 34.38 24.53
C LEU A 199 -49.49 33.65 25.70
N PRO A 200 -48.20 33.92 26.00
CA PRO A 200 -47.59 33.47 27.25
C PRO A 200 -48.34 34.04 28.47
N VAL A 201 -48.20 33.37 29.63
CA VAL A 201 -48.85 33.76 30.91
C VAL A 201 -47.75 33.90 31.98
N SER A 202 -47.70 35.06 32.65
CA SER A 202 -46.79 35.37 33.77
C SER A 202 -47.40 36.48 34.64
N ASP A 203 -47.32 36.34 35.96
CA ASP A 203 -47.92 37.27 36.96
C ASP A 203 -47.46 38.70 36.65
N ASN A 204 -48.42 39.64 36.55
CA ASN A 204 -48.22 41.09 36.28
C ASN A 204 -47.30 41.29 35.06
N ILE A 205 -47.57 40.57 33.97
CA ILE A 205 -46.96 40.79 32.62
C ILE A 205 -48.09 40.77 31.58
N ASP A 206 -48.26 41.85 30.83
CA ASP A 206 -49.26 41.99 29.73
C ASP A 206 -48.59 41.57 28.41
N PHE A 207 -48.77 40.31 28.01
CA PHE A 207 -48.23 39.75 26.74
C PHE A 207 -49.14 40.19 25.59
N ILE A 208 -48.54 40.88 24.60
CA ILE A 208 -49.22 41.48 23.42
C ILE A 208 -48.76 40.76 22.16
N ASN A 209 -49.70 40.20 21.38
CA ASN A 209 -49.44 39.70 20.01
C ASN A 209 -49.50 40.88 19.04
N GLY A 210 -48.36 41.33 18.53
CA GLY A 210 -48.24 42.53 17.68
C GLY A 210 -47.23 42.35 16.56
N ASN A 211 -46.98 43.44 15.82
CA ASN A 211 -46.02 43.51 14.68
C ASN A 211 -45.39 44.90 14.67
N PHE A 212 -44.11 45.01 15.06
CA PHE A 212 -43.40 46.31 15.23
C PHE A 212 -43.11 46.96 13.87
N LEU A 213 -43.26 46.21 12.77
CA LEU A 213 -43.16 46.73 11.38
C LEU A 213 -44.40 47.58 11.05
N ASN A 214 -45.55 47.25 11.65
CA ASN A 214 -46.86 47.90 11.38
C ASN A 214 -47.11 49.03 12.39
N SER A 215 -47.00 48.74 13.69
CA SER A 215 -47.35 49.68 14.79
C SER A 215 -46.73 49.25 16.12
N ILE A 216 -46.36 50.24 16.95
CA ILE A 216 -46.01 50.09 18.39
C ILE A 216 -47.12 50.74 19.20
N PRO A 217 -47.68 50.07 20.24
CA PRO A 217 -48.75 50.68 21.04
C PRO A 217 -48.24 51.87 21.86
N SER A 218 -48.98 52.99 21.81
CA SER A 218 -48.66 54.27 22.52
C SER A 218 -49.09 54.17 23.98
N GLY A 219 -48.69 55.16 24.80
CA GLY A 219 -49.12 55.31 26.21
C GLY A 219 -48.20 54.59 27.18
N TYR A 220 -46.95 54.33 26.79
CA TYR A 220 -45.85 53.84 27.67
C TYR A 220 -44.76 54.91 27.73
N ASP A 221 -44.18 55.13 28.91
CA ASP A 221 -43.13 56.16 29.16
C ASP A 221 -41.74 55.51 29.03
N LEU A 222 -41.64 54.18 29.08
CA LEU A 222 -40.39 53.43 28.79
C LEU A 222 -40.66 52.36 27.74
N TYR A 223 -39.89 52.37 26.65
CA TYR A 223 -39.85 51.32 25.60
C TYR A 223 -38.47 50.64 25.62
N ILE A 224 -38.43 49.34 25.36
CA ILE A 224 -37.18 48.54 25.30
C ILE A 224 -37.16 47.76 23.96
N LEU A 225 -36.08 47.90 23.20
CA LEU A 225 -35.81 47.14 21.95
C LEU A 225 -34.42 46.51 22.08
N LYS A 226 -34.36 45.26 22.54
CA LYS A 226 -33.10 44.54 22.87
C LYS A 226 -32.84 43.44 21.83
N ASN A 227 -31.70 43.53 21.12
CA ASN A 227 -31.23 42.53 20.12
C ASN A 227 -32.35 42.24 19.11
N VAL A 228 -32.87 43.27 18.45
CA VAL A 228 -33.91 43.17 17.39
C VAL A 228 -33.33 43.68 16.06
N LEU A 229 -32.73 44.88 16.06
CA LEU A 229 -32.39 45.66 14.84
C LEU A 229 -31.38 44.92 13.95
N HIS A 230 -30.55 44.03 14.50
CA HIS A 230 -29.54 43.26 13.72
C HIS A 230 -30.19 42.05 13.03
N ASN A 231 -31.53 41.94 13.08
CA ASN A 231 -32.32 40.97 12.27
C ASN A 231 -32.96 41.70 11.08
N TRP A 232 -32.73 43.00 10.92
CA TRP A 232 -33.45 43.87 9.95
C TRP A 232 -32.45 44.73 9.15
N SER A 233 -32.82 45.06 7.91
CA SER A 233 -32.08 45.98 7.00
C SER A 233 -32.18 47.41 7.55
N ASP A 234 -31.45 48.35 6.93
CA ASP A 234 -31.43 49.78 7.32
C ASP A 234 -32.84 50.35 7.23
N SER A 235 -33.56 50.09 6.14
CA SER A 235 -34.91 50.63 5.84
C SER A 235 -35.94 50.07 6.83
N ASP A 236 -35.88 48.77 7.12
CA ASP A 236 -36.78 48.08 8.09
C ASP A 236 -36.49 48.58 9.50
N SER A 237 -35.22 48.82 9.84
CA SER A 237 -34.77 49.35 11.15
C SER A 237 -35.32 50.77 11.37
N ILE A 238 -35.26 51.61 10.33
CA ILE A 238 -35.81 53.00 10.34
C ILE A 238 -37.33 52.93 10.52
N LEU A 239 -38.00 52.02 9.82
CA LEU A 239 -39.47 51.79 9.88
C LEU A 239 -39.89 51.45 11.32
N ILE A 240 -39.11 50.60 12.00
CA ILE A 240 -39.36 50.17 13.41
C ILE A 240 -39.21 51.38 14.33
N LEU A 241 -38.12 52.14 14.19
CA LEU A 241 -37.79 53.32 15.04
C LEU A 241 -38.78 54.45 14.76
N GLU A 242 -39.29 54.55 13.53
CA GLU A 242 -40.36 55.52 13.12
C GLU A 242 -41.64 55.19 13.89
N ASN A 243 -41.99 53.90 14.00
CA ASN A 243 -43.21 53.41 14.69
C ASN A 243 -43.11 53.70 16.19
N PHE A 244 -41.90 53.65 16.75
CA PHE A 244 -41.60 54.04 18.16
C PHE A 244 -41.86 55.55 18.33
N ARG A 245 -41.34 56.37 17.42
CA ARG A 245 -41.45 57.86 17.45
C ARG A 245 -42.92 58.27 17.40
N LYS A 246 -43.73 57.59 16.57
CA LYS A 246 -45.19 57.86 16.41
C LYS A 246 -45.95 57.42 17.67
N ALA A 247 -45.44 56.41 18.38
CA ALA A 247 -46.03 55.85 19.62
C ALA A 247 -45.62 56.70 20.83
N MET A 248 -44.42 57.29 20.80
CA MET A 248 -43.79 58.01 21.94
C MET A 248 -44.26 59.47 21.97
N ASP A 249 -44.39 60.04 23.19
CA ASP A 249 -44.61 61.49 23.43
C ASP A 249 -43.27 62.09 23.86
N LYS A 250 -43.27 63.36 24.29
CA LYS A 250 -42.05 64.12 24.68
C LYS A 250 -41.39 63.48 25.92
N ASN A 251 -42.18 62.90 26.82
CA ASN A 251 -41.73 62.37 28.13
C ASN A 251 -41.24 60.92 27.98
N SER A 252 -41.57 60.26 26.86
CA SER A 252 -41.24 58.83 26.59
C SER A 252 -39.74 58.65 26.41
N SER A 253 -39.22 57.47 26.78
CA SER A 253 -37.82 57.04 26.60
C SER A 253 -37.79 55.65 25.93
N LEU A 254 -36.87 55.46 24.98
CA LEU A 254 -36.64 54.17 24.27
C LEU A 254 -35.21 53.70 24.55
N LEU A 255 -35.06 52.56 25.23
CA LEU A 255 -33.75 51.92 25.53
C LEU A 255 -33.40 50.96 24.38
N LEU A 256 -32.64 51.44 23.40
CA LEU A 256 -32.10 50.62 22.28
C LEU A 256 -30.85 49.88 22.80
N ILE A 257 -30.98 48.58 23.06
CA ILE A 257 -29.93 47.71 23.66
C ILE A 257 -29.55 46.64 22.62
N ASN A 258 -28.28 46.60 22.20
CA ASN A 258 -27.80 45.75 21.08
C ASN A 258 -26.34 45.32 21.32
N MET A 259 -26.03 44.07 20.99
CA MET A 259 -24.63 43.61 20.74
C MET A 259 -24.04 44.55 19.67
N VAL A 260 -22.98 45.28 20.01
CA VAL A 260 -22.44 46.41 19.20
C VAL A 260 -21.17 45.95 18.47
N LYS A 261 -20.97 46.42 17.24
CA LYS A 261 -19.78 46.16 16.40
C LYS A 261 -18.61 47.01 16.91
N GLU A 262 -17.57 46.37 17.44
CA GLU A 262 -16.30 47.00 17.88
C GLU A 262 -15.14 46.34 17.14
N PRO A 263 -14.14 47.11 16.66
CA PRO A 263 -13.06 46.55 15.84
C PRO A 263 -12.30 45.37 16.48
N GLU A 264 -12.17 45.38 17.80
CA GLU A 264 -11.38 44.39 18.59
C GLU A 264 -12.00 42.98 18.46
N PHE A 265 -13.34 42.90 18.40
CA PHE A 265 -14.12 41.63 18.45
C PHE A 265 -14.38 41.11 17.04
N SER A 266 -14.84 39.87 16.94
CA SER A 266 -15.00 39.09 15.68
C SER A 266 -16.15 39.67 14.85
N ARG A 267 -16.02 39.60 13.51
CA ARG A 267 -17.06 40.00 12.53
C ARG A 267 -17.97 38.80 12.20
N SER A 268 -17.71 37.62 12.80
CA SER A 268 -18.37 36.34 12.48
C SER A 268 -19.89 36.46 12.67
N PHE A 269 -20.34 37.14 13.74
CA PHE A 269 -21.77 37.33 14.07
C PHE A 269 -22.43 38.22 13.01
N ASP A 270 -21.75 39.27 12.54
CA ASP A 270 -22.21 40.19 11.48
C ASP A 270 -22.59 39.39 10.23
N ILE A 271 -21.80 38.36 9.89
CA ILE A 271 -22.00 37.49 8.69
C ILE A 271 -23.20 36.57 8.94
N LEU A 272 -23.32 36.01 10.14
CA LEU A 272 -24.44 35.12 10.54
C LEU A 272 -25.77 35.86 10.38
N MET A 273 -25.82 37.13 10.78
CA MET A 273 -27.03 38.00 10.67
C MET A 273 -27.38 38.21 9.20
N ASP A 274 -26.38 38.29 8.32
CA ASP A 274 -26.57 38.41 6.84
C ASP A 274 -27.21 37.12 6.31
N VAL A 275 -26.67 35.96 6.72
CA VAL A 275 -27.08 34.60 6.26
C VAL A 275 -28.55 34.36 6.67
N LEU A 276 -28.91 34.66 7.91
CA LEU A 276 -30.20 34.26 8.53
C LEU A 276 -31.30 35.29 8.23
N PHE A 277 -30.98 36.58 8.15
CA PHE A 277 -31.97 37.69 8.18
C PHE A 277 -31.75 38.75 7.08
N LEU A 278 -30.62 38.73 6.38
CA LEU A 278 -30.07 39.91 5.65
C LEU A 278 -29.95 41.08 6.63
N GLY A 279 -29.56 40.78 7.88
CA GLY A 279 -29.30 41.76 8.95
C GLY A 279 -27.83 42.12 9.00
N LYS A 280 -27.39 42.78 10.08
N LYS A 280 -27.40 42.77 10.08
CA LYS A 280 -26.00 43.25 10.29
CA LYS A 280 -25.99 43.21 10.30
C LYS A 280 -25.83 43.75 11.73
C LYS A 280 -25.82 43.74 11.72
N GLU A 281 -24.67 43.47 12.34
CA GLU A 281 -24.29 44.01 13.67
C GLU A 281 -23.69 45.41 13.45
N ARG A 282 -24.30 46.44 14.04
CA ARG A 282 -24.00 47.87 13.76
C ARG A 282 -23.16 48.46 14.91
N SER A 283 -22.33 49.46 14.60
CA SER A 283 -21.61 50.32 15.57
C SER A 283 -22.60 51.33 16.16
N PHE A 284 -22.17 52.05 17.21
N PHE A 284 -22.19 52.07 17.20
CA PHE A 284 -22.92 53.17 17.85
CA PHE A 284 -23.01 53.15 17.81
C PHE A 284 -23.32 54.21 16.80
C PHE A 284 -23.35 54.20 16.76
N THR A 285 -22.38 54.55 15.91
CA THR A 285 -22.53 55.57 14.84
C THR A 285 -23.68 55.19 13.90
N GLU A 286 -23.73 53.92 13.47
CA GLU A 286 -24.76 53.38 12.54
C GLU A 286 -26.14 53.38 13.23
N PHE A 287 -26.20 52.98 14.50
CA PHE A 287 -27.43 52.99 15.33
C PHE A 287 -27.95 54.42 15.46
N GLU A 288 -27.05 55.39 15.70
CA GLU A 288 -27.40 56.82 15.88
C GLU A 288 -27.98 57.38 14.58
N TYR A 289 -27.39 57.05 13.43
CA TYR A 289 -27.84 57.48 12.08
C TYR A 289 -29.30 57.06 11.86
N LEU A 290 -29.59 55.77 12.07
CA LEU A 290 -30.92 55.15 11.86
C LEU A 290 -31.96 55.85 12.76
N ALA A 291 -31.58 56.13 14.02
CA ALA A 291 -32.41 56.83 15.01
C ALA A 291 -32.74 58.25 14.53
N ASN A 292 -31.74 58.96 14.00
CA ASN A 292 -31.88 60.35 13.48
C ASN A 292 -32.83 60.37 12.28
N GLN A 293 -32.72 59.37 11.39
CA GLN A 293 -33.58 59.22 10.18
C GLN A 293 -35.04 59.00 10.59
N ALA A 294 -35.26 58.34 11.74
CA ALA A 294 -36.60 58.01 12.29
C ALA A 294 -37.17 59.19 13.09
N GLY A 295 -36.35 60.19 13.38
CA GLY A 295 -36.74 61.41 14.13
C GLY A 295 -36.56 61.24 15.63
N LEU A 296 -35.61 60.40 16.04
CA LEU A 296 -35.24 60.15 17.47
C LEU A 296 -33.86 60.76 17.74
N VAL A 297 -33.59 61.09 19.01
CA VAL A 297 -32.35 61.80 19.46
C VAL A 297 -31.68 60.98 20.56
N VAL A 298 -30.37 60.77 20.46
CA VAL A 298 -29.52 60.06 21.47
C VAL A 298 -29.28 61.00 22.65
N GLN A 299 -29.75 60.63 23.84
CA GLN A 299 -29.64 61.44 25.09
C GLN A 299 -28.64 60.78 26.07
N GLU A 300 -28.30 59.50 25.86
CA GLU A 300 -27.39 58.73 26.75
C GLU A 300 -26.86 57.51 26.00
N THR A 301 -25.56 57.23 26.11
CA THR A 301 -24.88 56.05 25.50
C THR A 301 -23.89 55.46 26.51
N LYS A 302 -24.04 54.17 26.84
CA LYS A 302 -23.15 53.40 27.73
C LYS A 302 -22.76 52.09 27.03
N VAL A 303 -21.63 51.50 27.45
CA VAL A 303 -21.15 50.16 26.97
C VAL A 303 -21.31 49.16 28.12
N ILE A 304 -22.08 48.09 27.90
CA ILE A 304 -22.31 46.97 28.86
C ILE A 304 -21.42 45.79 28.44
N ASP A 305 -20.47 45.41 29.30
CA ASP A 305 -19.54 44.28 29.06
C ASP A 305 -20.24 42.97 29.42
N GLN A 306 -20.52 42.13 28.41
CA GLN A 306 -20.97 40.72 28.59
C GLN A 306 -19.85 39.80 28.10
N SER A 307 -19.75 38.60 28.68
CA SER A 307 -18.68 37.59 28.42
C SER A 307 -18.46 37.46 26.90
N TYR A 308 -19.53 37.28 26.13
CA TYR A 308 -19.51 36.85 24.71
C TYR A 308 -19.41 38.04 23.75
N SER A 309 -19.86 39.23 24.15
CA SER A 309 -19.91 40.44 23.28
C SER A 309 -20.09 41.71 24.09
N PRO A 310 -19.56 42.87 23.63
CA PRO A 310 -19.93 44.17 24.18
C PRO A 310 -21.32 44.59 23.70
N TYR A 311 -22.07 45.31 24.55
CA TYR A 311 -23.44 45.80 24.28
C TYR A 311 -23.43 47.34 24.25
N SER A 312 -24.19 47.93 23.32
CA SER A 312 -24.48 49.39 23.25
C SER A 312 -25.82 49.67 23.92
N PHE A 313 -25.81 50.42 25.03
CA PHE A 313 -27.01 50.96 25.72
C PHE A 313 -27.26 52.38 25.21
N ILE A 314 -28.33 52.59 24.45
CA ILE A 314 -28.69 53.89 23.81
C ILE A 314 -30.10 54.30 24.25
N LYS A 315 -30.20 55.40 25.02
CA LYS A 315 -31.47 56.02 25.47
C LYS A 315 -31.91 57.04 24.41
N LEU A 316 -33.03 56.78 23.73
CA LEU A 316 -33.58 57.62 22.64
C LEU A 316 -34.86 58.32 23.09
N GLN A 317 -35.04 59.57 22.67
CA GLN A 317 -36.29 60.38 22.85
C GLN A 317 -36.62 61.06 21.51
N ILE A 318 -37.88 61.48 21.34
CA ILE A 318 -38.38 62.11 20.08
C ILE A 318 -37.76 63.49 19.92
N LYS A 319 -37.58 63.95 18.67
CA LYS A 319 -37.01 65.28 18.33
C LYS A 319 -38.04 66.37 18.65
N SER B 1 -16.07 36.63 23.23
CA SER B 1 -15.16 35.77 24.04
C SER B 1 -14.45 34.75 23.14
N MET B 2 -13.55 33.95 23.72
CA MET B 2 -12.80 32.88 23.01
C MET B 2 -13.70 31.64 22.85
N LEU B 3 -14.56 31.36 23.85
CA LEU B 3 -15.41 30.13 23.89
C LEU B 3 -16.51 30.21 22.82
N THR B 4 -17.21 31.35 22.74
CA THR B 4 -18.34 31.55 21.80
C THR B 4 -17.83 31.55 20.35
N GLU B 5 -16.61 32.05 20.12
CA GLU B 5 -15.96 32.06 18.77
C GLU B 5 -15.41 30.67 18.45
N LEU B 6 -15.05 29.87 19.47
CA LEU B 6 -14.65 28.45 19.31
C LEU B 6 -15.90 27.62 18.95
N ILE B 7 -17.03 27.88 19.62
CA ILE B 7 -18.35 27.29 19.31
C ILE B 7 -18.72 27.66 17.87
N ALA B 8 -18.41 28.90 17.45
CA ALA B 8 -18.75 29.50 16.14
C ALA B 8 -17.59 29.32 15.14
N SER B 9 -16.75 28.30 15.31
CA SER B 9 -15.62 27.98 14.40
C SER B 9 -16.14 27.68 12.99
N ASN B 10 -17.33 27.06 12.89
CA ASN B 10 -18.01 26.70 11.61
C ASN B 10 -18.15 27.92 10.70
N ARG B 11 -18.33 29.12 11.26
CA ARG B 11 -18.56 30.38 10.51
C ARG B 11 -17.34 30.72 9.66
N ARG B 12 -16.13 30.35 10.12
CA ARG B 12 -14.85 30.56 9.40
C ARG B 12 -14.85 29.72 8.12
N SER B 13 -15.18 28.43 8.24
CA SER B 13 -15.28 27.46 7.11
C SER B 13 -16.33 27.95 6.10
N ALA B 14 -17.51 28.33 6.59
CA ALA B 14 -18.68 28.73 5.77
C ALA B 14 -18.37 30.03 5.00
N ALA B 15 -17.63 30.95 5.62
CA ALA B 15 -17.21 32.24 5.01
C ALA B 15 -16.25 31.98 3.85
N ILE B 16 -15.24 31.13 4.07
CA ILE B 16 -14.24 30.72 3.04
C ILE B 16 -14.97 30.00 1.90
N HIS B 17 -15.91 29.11 2.22
CA HIS B 17 -16.71 28.33 1.24
C HIS B 17 -17.43 29.28 0.29
N ALA B 18 -18.15 30.27 0.83
CA ALA B 18 -18.91 31.29 0.06
C ALA B 18 -17.96 32.08 -0.84
N PHE B 19 -16.74 32.35 -0.38
CA PHE B 19 -15.71 33.14 -1.08
C PHE B 19 -15.13 32.33 -2.26
N VAL B 20 -14.88 31.03 -2.04
CA VAL B 20 -14.20 30.13 -3.01
C VAL B 20 -15.24 29.48 -3.93
N ASP B 21 -16.28 28.86 -3.36
CA ASP B 21 -17.28 28.02 -4.10
C ASP B 21 -17.94 28.85 -5.21
N THR B 22 -18.22 30.13 -4.94
CA THR B 22 -18.85 31.07 -5.92
C THR B 22 -17.87 31.38 -7.06
N GLY B 23 -16.56 31.33 -6.78
CA GLY B 23 -15.49 31.66 -7.74
C GLY B 23 -15.07 33.11 -7.64
N LEU B 24 -15.50 33.82 -6.59
CA LEU B 24 -15.13 35.24 -6.32
C LEU B 24 -13.63 35.34 -6.05
N SER B 25 -13.05 34.33 -5.39
CA SER B 25 -11.62 34.24 -5.01
C SER B 25 -10.72 34.18 -6.25
N THR B 26 -11.25 33.75 -7.40
CA THR B 26 -10.50 33.57 -8.67
C THR B 26 -10.21 34.93 -9.32
N HIS B 27 -10.75 36.03 -8.78
CA HIS B 27 -10.50 37.42 -9.22
C HIS B 27 -9.31 38.03 -8.47
N PHE B 28 -8.67 37.26 -7.57
CA PHE B 28 -7.57 37.72 -6.67
C PHE B 28 -6.27 36.99 -7.04
N LYS B 29 -6.06 36.70 -8.33
CA LYS B 29 -4.88 35.95 -8.83
C LYS B 29 -3.64 36.87 -8.82
N ASP B 30 -2.46 36.30 -8.54
CA ASP B 30 -1.14 36.96 -8.65
C ASP B 30 -1.00 38.08 -7.60
N GLY B 31 -1.66 37.93 -6.45
CA GLY B 31 -1.58 38.85 -5.29
C GLY B 31 -1.94 40.29 -5.65
N ILE B 32 -2.87 40.48 -6.59
CA ILE B 32 -3.37 41.81 -7.02
C ILE B 32 -4.37 42.34 -5.98
N TYR B 33 -4.40 43.66 -5.79
CA TYR B 33 -5.38 44.37 -4.92
C TYR B 33 -6.66 44.62 -5.74
N VAL B 34 -7.78 44.06 -5.27
CA VAL B 34 -9.11 44.10 -5.96
C VAL B 34 -9.94 45.25 -5.37
N ASP B 35 -10.50 46.10 -6.24
CA ASP B 35 -11.53 47.11 -5.89
C ASP B 35 -12.89 46.40 -5.86
N ILE B 36 -13.49 46.26 -4.67
CA ILE B 36 -14.78 45.55 -4.44
C ILE B 36 -15.89 46.28 -5.20
N SER B 37 -15.78 47.61 -5.31
CA SER B 37 -16.69 48.49 -6.09
C SER B 37 -16.73 48.04 -7.56
N GLU B 38 -15.56 47.77 -8.15
CA GLU B 38 -15.41 47.34 -9.57
C GLU B 38 -15.87 45.88 -9.72
N LEU B 39 -15.46 45.00 -8.80
CA LEU B 39 -15.81 43.55 -8.80
C LEU B 39 -17.33 43.40 -8.71
N SER B 40 -17.99 44.26 -7.92
CA SER B 40 -19.47 44.29 -7.75
C SER B 40 -20.15 44.63 -9.07
N ARG B 41 -19.71 45.69 -9.75
CA ARG B 41 -20.22 46.14 -11.07
C ARG B 41 -20.03 45.02 -12.11
N LYS B 42 -18.86 44.37 -12.10
CA LYS B 42 -18.44 43.36 -13.10
C LYS B 42 -19.22 42.05 -12.90
N SER B 43 -19.16 41.47 -11.69
CA SER B 43 -19.66 40.11 -11.36
C SER B 43 -21.12 40.14 -10.92
N GLY B 44 -21.61 41.29 -10.46
CA GLY B 44 -23.00 41.49 -10.00
C GLY B 44 -23.20 41.09 -8.55
N VAL B 45 -22.12 40.92 -7.80
CA VAL B 45 -22.15 40.61 -6.34
C VAL B 45 -22.49 41.89 -5.57
N ASN B 46 -23.25 41.78 -4.48
CA ASN B 46 -23.65 42.93 -3.62
C ASN B 46 -22.40 43.52 -2.98
N TYR B 47 -22.14 44.80 -3.24
CA TYR B 47 -20.92 45.54 -2.81
C TYR B 47 -20.82 45.55 -1.28
N ALA B 48 -21.83 46.12 -0.61
CA ALA B 48 -21.88 46.34 0.86
C ALA B 48 -21.74 45.00 1.60
N ARG B 49 -22.47 43.98 1.17
CA ARG B 49 -22.56 42.66 1.86
C ARG B 49 -21.27 41.86 1.63
N PHE B 50 -20.68 41.93 0.44
CA PHE B 50 -19.40 41.24 0.10
C PHE B 50 -18.23 41.94 0.81
N SER B 51 -18.28 43.27 0.93
CA SER B 51 -17.29 44.09 1.66
C SER B 51 -17.22 43.66 3.12
N ARG B 52 -18.36 43.27 3.71
CA ARG B 52 -18.46 42.77 5.10
C ARG B 52 -17.84 41.37 5.21
N LEU B 53 -18.08 40.50 4.22
CA LEU B 53 -17.45 39.16 4.13
C LEU B 53 -15.93 39.32 4.04
N CYS B 54 -15.46 40.25 3.21
CA CYS B 54 -14.02 40.58 3.01
C CYS B 54 -13.40 41.00 4.35
N ASP B 55 -14.08 41.83 5.14
CA ASP B 55 -13.62 42.30 6.47
C ASP B 55 -13.41 41.10 7.39
N PHE B 56 -14.30 40.09 7.32
CA PHE B 56 -14.22 38.84 8.12
C PHE B 56 -13.07 37.96 7.60
N LEU B 57 -12.83 37.96 6.29
CA LEU B 57 -11.71 37.22 5.64
C LEU B 57 -10.37 37.86 6.02
N VAL B 58 -10.33 39.18 6.21
CA VAL B 58 -9.12 39.92 6.68
C VAL B 58 -8.82 39.49 8.12
N GLU B 59 -9.84 39.45 8.97
CA GLU B 59 -9.76 39.02 10.40
C GLU B 59 -9.15 37.60 10.46
N MET B 60 -9.59 36.70 9.57
CA MET B 60 -9.12 35.29 9.49
C MET B 60 -7.70 35.22 8.92
N GLY B 61 -7.28 36.25 8.18
CA GLY B 61 -5.94 36.34 7.57
C GLY B 61 -5.94 35.80 6.14
N VAL B 62 -7.12 35.54 5.56
CA VAL B 62 -7.29 35.05 4.17
C VAL B 62 -7.02 36.20 3.21
N LEU B 63 -7.55 37.40 3.51
CA LEU B 63 -7.33 38.65 2.73
C LEU B 63 -6.46 39.61 3.54
N VAL B 64 -5.83 40.57 2.85
CA VAL B 64 -5.08 41.73 3.45
C VAL B 64 -5.70 43.00 2.89
N SER B 65 -6.03 43.96 3.77
CA SER B 65 -6.71 45.24 3.42
C SER B 65 -5.71 46.40 3.46
N ASN B 66 -5.66 47.19 2.39
CA ASN B 66 -4.83 48.42 2.26
C ASN B 66 -5.54 49.41 1.33
N ASP B 67 -5.91 50.58 1.85
CA ASP B 67 -6.52 51.70 1.10
C ASP B 67 -7.85 51.25 0.47
N ASN B 68 -8.66 50.52 1.24
CA ASN B 68 -10.03 50.06 0.86
C ASN B 68 -9.96 49.13 -0.36
N LYS B 69 -8.88 48.37 -0.49
CA LYS B 69 -8.68 47.31 -1.52
C LYS B 69 -8.19 46.03 -0.83
N PHE B 70 -8.52 44.87 -1.36
CA PHE B 70 -8.25 43.53 -0.76
C PHE B 70 -7.43 42.68 -1.72
N ARG B 71 -6.40 42.01 -1.19
CA ARG B 71 -5.60 40.96 -1.89
C ARG B 71 -5.59 39.70 -1.03
N LEU B 72 -5.48 38.52 -1.66
CA LEU B 72 -5.24 37.24 -0.97
C LEU B 72 -3.86 37.31 -0.29
N SER B 73 -3.76 36.78 0.94
CA SER B 73 -2.47 36.60 1.67
C SER B 73 -1.58 35.64 0.88
N ASP B 74 -0.25 35.73 1.07
CA ASP B 74 0.75 34.88 0.38
C ASP B 74 0.37 33.41 0.51
N GLU B 75 -0.08 32.99 1.69
CA GLU B 75 -0.46 31.60 2.04
C GLU B 75 -1.73 31.18 1.28
N CYS B 76 -2.71 32.08 1.17
CA CYS B 76 -4.07 31.81 0.62
C CYS B 76 -4.14 32.16 -0.88
N HIS B 77 -3.01 32.24 -1.57
CA HIS B 77 -2.92 32.44 -3.05
C HIS B 77 -3.61 31.27 -3.77
N VAL B 78 -3.59 30.09 -3.14
CA VAL B 78 -4.19 28.81 -3.66
C VAL B 78 -5.69 28.99 -3.95
N PHE B 79 -6.38 29.85 -3.20
CA PHE B 79 -7.85 30.09 -3.32
C PHE B 79 -8.18 30.76 -4.66
N ALA B 80 -7.22 31.44 -5.28
CA ALA B 80 -7.36 32.08 -6.61
C ALA B 80 -7.38 31.02 -7.71
N ASN B 81 -6.79 29.84 -7.45
CA ASN B 81 -6.72 28.70 -8.39
C ASN B 81 -7.82 27.69 -8.04
N PRO B 82 -8.86 27.52 -8.89
CA PRO B 82 -9.93 26.56 -8.62
C PRO B 82 -9.50 25.09 -8.83
N GLU B 83 -8.30 24.87 -9.39
CA GLU B 83 -7.70 23.52 -9.59
C GLU B 83 -6.89 23.11 -8.35
N SER B 84 -6.64 24.04 -7.42
CA SER B 84 -5.87 23.79 -6.16
C SER B 84 -6.64 22.78 -5.29
N PHE B 85 -5.92 21.98 -4.50
CA PHE B 85 -6.50 20.95 -3.61
C PHE B 85 -7.32 21.63 -2.50
N GLU B 86 -6.91 22.83 -2.10
CA GLU B 86 -7.58 23.65 -1.05
C GLU B 86 -8.99 24.04 -1.52
N SER B 87 -9.15 24.34 -2.81
CA SER B 87 -10.45 24.69 -3.45
C SER B 87 -11.41 23.51 -3.36
N PHE B 88 -10.92 22.29 -3.61
CA PHE B 88 -11.71 21.02 -3.56
C PHE B 88 -12.01 20.65 -2.11
N MET B 89 -11.07 20.89 -1.20
CA MET B 89 -11.18 20.57 0.25
C MET B 89 -12.41 21.27 0.84
N ILE B 90 -12.48 22.60 0.73
CA ILE B 90 -13.54 23.45 1.33
C ILE B 90 -14.91 23.09 0.71
N LYS B 91 -14.94 22.74 -0.58
CA LYS B 91 -16.18 22.38 -1.32
C LYS B 91 -16.78 21.09 -0.73
N LEU B 92 -15.94 20.19 -0.22
CA LEU B 92 -16.36 18.93 0.46
C LEU B 92 -16.58 19.18 1.95
N GLU B 93 -15.72 19.99 2.57
CA GLU B 93 -15.58 20.14 4.04
C GLU B 93 -16.95 20.38 4.70
N ILE B 94 -17.72 21.34 4.19
CA ILE B 94 -19.02 21.77 4.80
C ILE B 94 -20.18 21.51 3.84
N CYS B 95 -20.03 20.59 2.87
CA CYS B 95 -21.14 20.13 2.00
C CYS B 95 -22.17 19.41 2.87
N SER B 96 -23.44 19.39 2.43
CA SER B 96 -24.61 18.89 3.21
C SER B 96 -24.35 17.46 3.72
N HIS B 97 -23.73 16.61 2.89
CA HIS B 97 -23.46 15.18 3.20
C HIS B 97 -22.48 15.06 4.37
N TYR B 98 -21.42 15.88 4.39
CA TYR B 98 -20.40 15.93 5.47
C TYR B 98 -21.06 16.48 6.75
N SER B 99 -21.77 17.60 6.62
CA SER B 99 -22.50 18.29 7.73
C SER B 99 -23.48 17.33 8.40
N ASN B 100 -24.29 16.61 7.60
CA ASN B 100 -25.32 15.66 8.09
C ASN B 100 -24.64 14.45 8.75
N ALA B 101 -23.45 14.07 8.28
CA ALA B 101 -22.61 12.99 8.88
C ALA B 101 -22.15 13.45 10.27
N TRP B 102 -21.63 14.67 10.38
CA TRP B 102 -21.16 15.29 11.65
C TRP B 102 -22.30 15.35 12.68
N LEU B 103 -23.54 15.56 12.22
CA LEU B 103 -24.74 15.67 13.10
C LEU B 103 -25.12 14.30 13.68
N MET B 104 -24.60 13.21 13.10
CA MET B 104 -24.84 11.81 13.57
C MET B 104 -23.63 11.30 14.37
N TYR B 105 -22.55 12.08 14.45
CA TYR B 105 -21.27 11.70 15.12
C TYR B 105 -21.53 11.39 16.59
N GLY B 106 -22.26 12.27 17.29
CA GLY B 106 -22.62 12.11 18.72
C GLY B 106 -23.34 10.79 18.97
N LYS B 107 -24.37 10.50 18.16
CA LYS B 107 -25.21 9.27 18.28
C LYS B 107 -24.38 8.02 17.91
N SER B 108 -23.44 8.15 16.96
CA SER B 108 -22.60 7.04 16.45
C SER B 108 -21.71 6.46 17.55
N LEU B 109 -21.33 7.28 18.53
CA LEU B 109 -20.44 6.89 19.67
C LEU B 109 -21.16 5.90 20.60
N PHE B 110 -22.50 5.90 20.61
CA PHE B 110 -23.35 5.03 21.46
C PHE B 110 -23.75 3.74 20.73
N GLU B 111 -23.57 3.69 19.40
CA GLU B 111 -23.88 2.51 18.55
C GLU B 111 -22.63 1.63 18.44
N ASP B 112 -22.83 0.32 18.18
CA ASP B 112 -21.74 -0.68 18.03
C ASP B 112 -22.14 -1.69 16.94
N ASP B 113 -22.62 -1.19 15.81
CA ASP B 113 -23.08 -1.99 14.64
C ASP B 113 -22.02 -1.95 13.52
N GLY B 114 -20.93 -1.21 13.73
CA GLY B 114 -19.89 -0.96 12.70
C GLY B 114 -20.38 -0.04 11.61
N LYS B 115 -21.35 0.83 11.93
CA LYS B 115 -21.93 1.84 10.99
C LYS B 115 -21.36 3.22 11.32
N SER B 116 -20.67 3.84 10.35
CA SER B 116 -20.13 5.22 10.45
C SER B 116 -21.27 6.22 10.61
N ALA B 117 -20.99 7.40 11.14
CA ALA B 117 -21.94 8.54 11.28
C ALA B 117 -22.48 8.91 9.89
N PHE B 118 -21.64 8.80 8.85
CA PHE B 118 -22.00 9.04 7.42
C PHE B 118 -23.07 8.02 6.99
N GLU B 119 -22.87 6.75 7.29
CA GLU B 119 -23.79 5.64 6.92
C GLU B 119 -25.13 5.82 7.67
N MET B 120 -25.07 6.20 8.95
CA MET B 120 -26.27 6.47 9.81
C MET B 120 -27.09 7.61 9.19
N ALA B 121 -26.42 8.58 8.56
CA ALA B 121 -27.05 9.77 7.94
C ALA B 121 -27.61 9.42 6.54
N HIS B 122 -26.89 8.62 5.75
CA HIS B 122 -27.08 8.47 4.29
C HIS B 122 -27.52 7.05 3.90
N GLY B 123 -27.40 6.07 4.80
CA GLY B 123 -27.94 4.71 4.61
C GLY B 123 -26.96 3.76 3.92
N ARG B 124 -25.79 4.26 3.48
CA ARG B 124 -24.72 3.46 2.83
C ARG B 124 -23.36 3.95 3.32
N PRO B 125 -22.33 3.07 3.39
CA PRO B 125 -20.97 3.51 3.69
C PRO B 125 -20.42 4.44 2.60
N PHE B 126 -19.43 5.27 2.96
CA PHE B 126 -18.93 6.44 2.19
C PHE B 126 -18.79 6.10 0.70
N PHE B 127 -17.90 5.16 0.36
CA PHE B 127 -17.47 4.86 -1.04
C PHE B 127 -18.63 4.23 -1.82
N GLU B 128 -19.44 3.40 -1.17
CA GLU B 128 -20.66 2.79 -1.78
C GLU B 128 -21.67 3.88 -2.13
N TYR B 129 -21.78 4.93 -1.29
CA TYR B 129 -22.68 6.08 -1.49
C TYR B 129 -22.16 6.97 -2.64
N LEU B 130 -20.84 7.12 -2.74
CA LEU B 130 -20.16 7.94 -3.79
C LEU B 130 -20.45 7.36 -5.18
N ASP B 131 -20.72 6.05 -5.28
CA ASP B 131 -21.10 5.37 -6.55
C ASP B 131 -22.35 6.02 -7.15
N GLY B 132 -23.28 6.48 -6.30
CA GLY B 132 -24.57 7.06 -6.72
C GLY B 132 -24.65 8.56 -6.49
N ASN B 133 -23.53 9.24 -6.26
CA ASN B 133 -23.45 10.72 -6.06
C ASN B 133 -22.19 11.25 -6.79
N LYS B 134 -22.38 11.89 -7.94
CA LYS B 134 -21.28 12.39 -8.82
C LYS B 134 -20.60 13.59 -8.15
N PHE B 135 -21.35 14.46 -7.47
CA PHE B 135 -20.81 15.67 -6.79
C PHE B 135 -19.72 15.24 -5.80
N LEU B 136 -20.02 14.28 -4.92
CA LEU B 136 -19.10 13.78 -3.87
C LEU B 136 -17.92 13.06 -4.53
N LYS B 137 -18.19 12.12 -5.44
CA LYS B 137 -17.15 11.27 -6.09
C LYS B 137 -16.16 12.13 -6.87
N SER B 138 -16.66 12.99 -7.77
CA SER B 138 -15.86 13.83 -8.69
C SER B 138 -14.95 14.77 -7.88
N ASN B 139 -15.49 15.41 -6.84
CA ASN B 139 -14.76 16.38 -5.98
C ASN B 139 -13.76 15.66 -5.07
N PHE B 140 -14.14 14.49 -4.53
CA PHE B 140 -13.27 13.64 -3.67
C PHE B 140 -12.08 13.12 -4.50
N ASP B 141 -12.38 12.50 -5.65
CA ASP B 141 -11.36 11.95 -6.59
C ASP B 141 -10.42 13.07 -7.06
N ALA B 142 -10.97 14.27 -7.29
CA ALA B 142 -10.21 15.48 -7.70
C ALA B 142 -9.27 15.90 -6.57
N LEU B 143 -9.74 15.89 -5.32
CA LEU B 143 -8.93 16.25 -4.12
C LEU B 143 -7.77 15.26 -3.98
N MET B 144 -8.05 13.96 -4.08
CA MET B 144 -7.03 12.87 -3.97
C MET B 144 -5.99 13.02 -5.09
N THR B 145 -6.42 13.40 -6.29
CA THR B 145 -5.57 13.63 -7.49
C THR B 145 -4.60 14.80 -7.20
N ARG B 146 -5.11 15.91 -6.68
CA ARG B 146 -4.32 17.16 -6.44
C ARG B 146 -3.23 16.90 -5.39
N VAL B 147 -3.55 16.20 -4.31
CA VAL B 147 -2.59 15.91 -3.19
C VAL B 147 -1.60 14.84 -3.64
N SER B 148 -2.01 13.90 -4.51
CA SER B 148 -1.14 12.89 -5.15
C SER B 148 -0.09 13.59 -6.02
N ASN B 149 -0.51 14.66 -6.73
CA ASN B 149 0.34 15.45 -7.68
C ASN B 149 1.37 16.27 -6.89
N LEU B 150 1.10 16.58 -5.62
CA LEU B 150 1.97 17.44 -4.77
C LEU B 150 3.15 16.63 -4.21
N ILE B 151 2.94 15.36 -3.85
CA ILE B 151 3.92 14.51 -3.12
C ILE B 151 4.86 13.80 -4.09
N VAL B 152 4.46 13.63 -5.36
CA VAL B 152 5.20 12.83 -6.39
C VAL B 152 6.69 13.22 -6.39
N GLU B 153 7.00 14.53 -6.42
CA GLU B 153 8.38 15.06 -6.56
C GLU B 153 9.25 14.53 -5.40
N LYS B 154 8.75 14.64 -4.17
CA LYS B 154 9.46 14.21 -2.94
C LYS B 154 9.58 12.68 -2.89
N LEU B 155 8.55 11.97 -3.35
CA LEU B 155 8.47 10.48 -3.31
C LEU B 155 9.53 9.89 -4.25
N LEU B 156 9.66 10.46 -5.47
CA LEU B 156 10.69 10.06 -6.47
C LEU B 156 12.09 10.30 -5.91
N GLY B 157 12.26 11.36 -5.11
CA GLY B 157 13.54 11.79 -4.54
C GLY B 157 14.08 10.84 -3.48
N ILE B 158 13.21 10.21 -2.69
CA ILE B 158 13.58 9.42 -1.48
C ILE B 158 13.64 7.92 -1.80
N TYR B 159 13.06 7.47 -2.92
CA TYR B 159 13.01 6.04 -3.31
C TYR B 159 13.36 5.87 -4.80
N ASP B 160 14.18 4.87 -5.11
CA ASP B 160 14.60 4.49 -6.48
C ASP B 160 13.53 3.58 -7.08
N PHE B 161 12.66 4.13 -7.94
CA PHE B 161 11.56 3.40 -8.64
C PHE B 161 12.10 2.69 -9.88
N ASN B 162 13.32 3.04 -10.33
CA ASN B 162 13.96 2.52 -11.56
C ASN B 162 14.39 1.05 -11.37
N GLN B 163 14.57 0.59 -10.12
CA GLN B 163 14.99 -0.80 -9.81
C GLN B 163 13.86 -1.78 -10.13
N HIS B 164 12.61 -1.30 -10.16
CA HIS B 164 11.38 -2.13 -10.32
C HIS B 164 11.00 -2.24 -11.81
N ASN B 165 10.11 -3.19 -12.12
CA ASN B 165 9.68 -3.57 -13.49
C ASN B 165 8.17 -3.40 -13.64
N ARG B 166 7.40 -4.03 -12.73
CA ARG B 166 5.91 -4.04 -12.73
C ARG B 166 5.39 -3.38 -11.45
N ILE B 167 4.64 -2.29 -11.58
CA ILE B 167 4.19 -1.42 -10.46
C ILE B 167 2.66 -1.36 -10.46
N LEU B 168 2.04 -1.69 -9.32
CA LEU B 168 0.56 -1.62 -9.10
C LEU B 168 0.29 -0.62 -7.96
N ASP B 169 -0.53 0.41 -8.24
CA ASP B 169 -1.03 1.37 -7.23
C ASP B 169 -2.44 0.92 -6.81
N VAL B 170 -2.55 0.32 -5.62
CA VAL B 170 -3.81 -0.25 -5.07
C VAL B 170 -4.62 0.88 -4.42
N GLY B 171 -5.89 1.04 -4.84
CA GLY B 171 -6.75 2.16 -4.46
C GLY B 171 -6.18 3.49 -4.92
N GLY B 172 -5.73 3.55 -6.18
CA GLY B 172 -5.01 4.69 -6.76
C GLY B 172 -5.93 5.73 -7.38
N GLY B 173 -7.26 5.54 -7.25
CA GLY B 173 -8.29 6.50 -7.69
C GLY B 173 -8.23 6.74 -9.19
N GLU B 174 -7.96 7.99 -9.59
CA GLU B 174 -7.85 8.41 -11.02
C GLU B 174 -6.47 8.02 -11.57
N GLY B 175 -5.56 7.56 -10.70
CA GLY B 175 -4.24 7.00 -11.07
C GLY B 175 -3.20 8.09 -11.27
N GLU B 176 -3.41 9.27 -10.68
CA GLU B 176 -2.55 10.48 -10.84
C GLU B 176 -1.10 10.15 -10.44
N LEU B 177 -0.91 9.44 -9.32
CA LEU B 177 0.42 9.13 -8.74
C LEU B 177 1.30 8.43 -9.79
N LEU B 178 0.81 7.33 -10.38
CA LEU B 178 1.59 6.49 -11.34
C LEU B 178 1.74 7.23 -12.68
N VAL B 179 0.72 7.96 -13.12
CA VAL B 179 0.76 8.78 -14.37
C VAL B 179 1.94 9.75 -14.29
N ARG B 180 2.13 10.38 -13.12
CA ARG B 180 3.20 11.39 -12.87
C ARG B 180 4.55 10.68 -12.73
N ILE B 181 4.58 9.54 -12.04
CA ILE B 181 5.82 8.70 -11.85
C ILE B 181 6.26 8.15 -13.21
N SER B 182 5.32 7.72 -14.05
CA SER B 182 5.58 7.08 -15.38
C SER B 182 6.24 8.07 -16.34
N GLU B 183 5.98 9.37 -16.18
CA GLU B 183 6.57 10.46 -17.02
C GLU B 183 8.07 10.57 -16.73
N LYS B 184 8.48 10.38 -15.47
CA LYS B 184 9.88 10.55 -15.00
C LYS B 184 10.60 9.18 -14.94
N VAL B 185 9.85 8.10 -14.74
CA VAL B 185 10.37 6.69 -14.68
C VAL B 185 9.74 5.90 -15.83
N LYS B 186 10.43 5.81 -16.97
CA LYS B 186 9.91 5.25 -18.25
C LYS B 186 10.30 3.77 -18.38
N GLY B 187 9.63 3.06 -19.29
CA GLY B 187 9.99 1.68 -19.71
C GLY B 187 9.45 0.60 -18.78
N LYS B 188 8.57 0.98 -17.84
CA LYS B 188 7.98 0.04 -16.84
C LYS B 188 6.54 -0.30 -17.26
N HIS B 189 5.96 -1.33 -16.63
CA HIS B 189 4.51 -1.65 -16.69
C HIS B 189 3.82 -0.98 -15.49
N TYR B 190 2.82 -0.13 -15.76
CA TYR B 190 2.07 0.65 -14.74
C TYR B 190 0.61 0.18 -14.74
N ALA B 191 0.09 -0.14 -13.55
CA ALA B 191 -1.30 -0.60 -13.32
C ALA B 191 -1.87 0.09 -12.08
N VAL B 192 -3.16 0.45 -12.13
CA VAL B 192 -3.90 1.14 -11.03
C VAL B 192 -5.16 0.32 -10.72
N LEU B 193 -5.30 -0.17 -9.49
CA LEU B 193 -6.49 -0.92 -9.01
C LEU B 193 -7.36 0.01 -8.17
N ASP B 194 -8.67 0.04 -8.46
CA ASP B 194 -9.70 0.78 -7.67
C ASP B 194 -11.08 0.22 -8.05
N ARG B 195 -12.16 0.80 -7.52
CA ARG B 195 -13.56 0.42 -7.84
C ARG B 195 -14.03 1.30 -9.00
N TYR B 196 -14.07 0.74 -10.21
CA TYR B 196 -14.46 1.43 -11.48
C TYR B 196 -15.71 0.77 -12.06
N SER B 197 -16.79 1.54 -12.23
CA SER B 197 -17.99 1.16 -13.02
C SER B 197 -17.63 1.24 -14.51
N GLU B 198 -16.80 2.22 -14.88
CA GLU B 198 -16.16 2.36 -16.21
C GLU B 198 -14.67 2.65 -16.02
N LEU B 199 -13.79 1.91 -16.70
CA LEU B 199 -12.31 2.01 -16.56
C LEU B 199 -11.83 3.36 -17.08
N PRO B 200 -11.06 4.13 -16.28
CA PRO B 200 -10.35 5.30 -16.79
C PRO B 200 -9.36 4.92 -17.93
N VAL B 201 -8.94 5.91 -18.72
CA VAL B 201 -8.05 5.73 -19.89
C VAL B 201 -6.86 6.70 -19.78
N SER B 202 -5.64 6.16 -19.84
CA SER B 202 -4.36 6.94 -19.83
C SER B 202 -3.26 6.12 -20.54
N ASP B 203 -2.36 6.80 -21.23
CA ASP B 203 -1.27 6.19 -22.05
C ASP B 203 -0.36 5.34 -21.16
N ASN B 204 -0.27 4.03 -21.45
CA ASN B 204 0.60 3.05 -20.76
C ASN B 204 0.25 2.99 -19.27
N ILE B 205 -1.06 2.93 -18.96
CA ILE B 205 -1.61 2.67 -17.60
C ILE B 205 -2.70 1.59 -17.73
N ASP B 206 -2.54 0.45 -17.07
CA ASP B 206 -3.54 -0.65 -17.03
C ASP B 206 -4.45 -0.46 -15.82
N PHE B 207 -5.64 0.14 -16.04
CA PHE B 207 -6.67 0.35 -14.99
C PHE B 207 -7.43 -0.95 -14.76
N ILE B 208 -7.50 -1.37 -13.49
CA ILE B 208 -8.11 -2.66 -13.04
C ILE B 208 -9.28 -2.34 -12.10
N ASN B 209 -10.49 -2.82 -12.42
CA ASN B 209 -11.66 -2.83 -11.51
C ASN B 209 -11.47 -3.98 -10.53
N GLY B 210 -11.21 -3.68 -9.25
CA GLY B 210 -10.88 -4.67 -8.22
C GLY B 210 -11.43 -4.31 -6.85
N ASN B 211 -11.18 -5.17 -5.86
CA ASN B 211 -11.59 -5.00 -4.45
C ASN B 211 -10.46 -5.54 -3.56
N PHE B 212 -9.72 -4.66 -2.88
CA PHE B 212 -8.52 -5.01 -2.09
C PHE B 212 -8.90 -5.74 -0.80
N LEU B 213 -10.19 -5.74 -0.44
CA LEU B 213 -10.74 -6.53 0.69
C LEU B 213 -10.86 -8.00 0.29
N ASN B 214 -11.09 -8.27 -1.00
CA ASN B 214 -11.22 -9.64 -1.58
C ASN B 214 -9.83 -10.20 -1.90
N SER B 215 -9.08 -9.51 -2.78
CA SER B 215 -7.75 -9.96 -3.27
C SER B 215 -6.97 -8.80 -3.90
N ILE B 216 -5.64 -8.88 -3.83
CA ILE B 216 -4.67 -8.05 -4.60
C ILE B 216 -4.07 -8.94 -5.68
N PRO B 217 -4.00 -8.51 -6.96
CA PRO B 217 -3.44 -9.35 -8.02
C PRO B 217 -1.93 -9.56 -7.85
N SER B 218 -1.47 -10.81 -7.95
CA SER B 218 -0.03 -11.21 -7.89
C SER B 218 0.65 -10.88 -9.23
N GLY B 219 1.98 -10.94 -9.26
CA GLY B 219 2.80 -10.75 -10.48
C GLY B 219 3.31 -9.33 -10.64
N TYR B 220 3.43 -8.58 -9.53
CA TYR B 220 4.08 -7.25 -9.47
C TYR B 220 5.20 -7.29 -8.43
N ASP B 221 6.28 -6.55 -8.66
CA ASP B 221 7.47 -6.48 -7.76
C ASP B 221 7.43 -5.19 -6.94
N LEU B 222 6.58 -4.22 -7.30
CA LEU B 222 6.31 -3.00 -6.48
C LEU B 222 4.79 -2.81 -6.34
N TYR B 223 4.32 -2.74 -5.10
CA TYR B 223 2.92 -2.39 -4.72
C TYR B 223 2.93 -1.06 -3.97
N ILE B 224 1.91 -0.23 -4.22
CA ILE B 224 1.73 1.10 -3.55
C ILE B 224 0.33 1.15 -2.94
N LEU B 225 0.23 1.50 -1.65
CA LEU B 225 -1.04 1.74 -0.91
C LEU B 225 -0.92 3.10 -0.21
N LYS B 226 -1.43 4.16 -0.85
CA LYS B 226 -1.28 5.56 -0.39
C LYS B 226 -2.62 6.09 0.11
N ASN B 227 -2.68 6.52 1.38
CA ASN B 227 -3.86 7.17 2.03
C ASN B 227 -5.10 6.28 1.83
N VAL B 228 -4.99 4.99 2.16
CA VAL B 228 -6.12 4.00 2.10
C VAL B 228 -6.50 3.57 3.52
N LEU B 229 -5.51 3.20 4.35
CA LEU B 229 -5.72 2.47 5.63
C LEU B 229 -6.50 3.32 6.65
N HIS B 230 -6.47 4.65 6.56
CA HIS B 230 -7.20 5.55 7.51
C HIS B 230 -8.67 5.67 7.12
N ASN B 231 -9.14 4.89 6.13
CA ASN B 231 -10.58 4.71 5.79
C ASN B 231 -11.09 3.38 6.35
N TRP B 232 -10.26 2.63 7.07
CA TRP B 232 -10.55 1.23 7.50
C TRP B 232 -10.20 1.01 8.97
N SER B 233 -10.90 0.08 9.61
CA SER B 233 -10.64 -0.41 10.99
C SER B 233 -9.34 -1.20 11.01
N ASP B 234 -8.86 -1.56 12.21
CA ASP B 234 -7.60 -2.34 12.42
C ASP B 234 -7.72 -3.69 11.72
N SER B 235 -8.88 -4.36 11.86
CA SER B 235 -9.14 -5.72 11.31
C SER B 235 -9.18 -5.69 9.78
N ASP B 236 -9.85 -4.68 9.20
CA ASP B 236 -9.97 -4.49 7.72
C ASP B 236 -8.60 -4.06 7.16
N SER B 237 -7.86 -3.24 7.90
CA SER B 237 -6.48 -2.80 7.55
C SER B 237 -5.55 -4.02 7.48
N ILE B 238 -5.67 -4.94 8.44
CA ILE B 238 -4.89 -6.21 8.51
C ILE B 238 -5.28 -7.10 7.31
N LEU B 239 -6.58 -7.21 7.02
CA LEU B 239 -7.12 -8.02 5.88
C LEU B 239 -6.52 -7.52 4.56
N ILE B 240 -6.42 -6.20 4.38
CA ILE B 240 -5.85 -5.56 3.15
C ILE B 240 -4.38 -5.96 3.03
N LEU B 241 -3.60 -5.83 4.12
CA LEU B 241 -2.14 -6.11 4.16
C LEU B 241 -1.89 -7.62 4.04
N GLU B 242 -2.82 -8.46 4.53
CA GLU B 242 -2.77 -9.94 4.38
C GLU B 242 -2.90 -10.30 2.89
N ASN B 243 -3.78 -9.61 2.17
CA ASN B 243 -4.04 -9.83 0.72
C ASN B 243 -2.79 -9.44 -0.09
N PHE B 244 -2.05 -8.41 0.36
CA PHE B 244 -0.75 -7.98 -0.22
C PHE B 244 0.27 -9.11 -0.06
N ARG B 245 0.44 -9.61 1.17
CA ARG B 245 1.40 -10.69 1.53
C ARG B 245 1.11 -11.94 0.67
N LYS B 246 -0.18 -12.27 0.46
CA LYS B 246 -0.63 -13.41 -0.37
C LYS B 246 -0.27 -13.17 -1.85
N ALA B 247 -0.37 -11.92 -2.30
CA ALA B 247 -0.09 -11.49 -3.70
C ALA B 247 1.42 -11.43 -3.96
N MET B 248 2.21 -11.11 -2.92
CA MET B 248 3.66 -10.82 -3.03
C MET B 248 4.49 -12.11 -2.90
N ASP B 249 5.60 -12.18 -3.64
CA ASP B 249 6.69 -13.18 -3.45
C ASP B 249 7.80 -12.51 -2.62
N LYS B 250 8.93 -13.19 -2.43
CA LYS B 250 10.06 -12.71 -1.57
C LYS B 250 10.74 -11.49 -2.20
N ASN B 251 10.61 -11.31 -3.53
CA ASN B 251 11.28 -10.22 -4.30
C ASN B 251 10.41 -8.97 -4.35
N SER B 252 9.11 -9.08 -4.01
CA SER B 252 8.12 -7.97 -4.06
C SER B 252 8.39 -6.96 -2.94
N SER B 253 7.99 -5.70 -3.15
CA SER B 253 8.03 -4.60 -2.15
C SER B 253 6.68 -3.87 -2.13
N LEU B 254 6.17 -3.57 -0.94
CA LEU B 254 4.93 -2.76 -0.72
C LEU B 254 5.33 -1.43 -0.08
N LEU B 255 4.97 -0.31 -0.72
CA LEU B 255 5.18 1.07 -0.19
C LEU B 255 3.87 1.53 0.47
N LEU B 256 3.81 1.45 1.80
CA LEU B 256 2.69 1.97 2.63
C LEU B 256 2.94 3.45 2.92
N ILE B 257 2.26 4.33 2.17
CA ILE B 257 2.40 5.82 2.24
C ILE B 257 1.10 6.39 2.83
N ASN B 258 1.19 7.14 3.94
CA ASN B 258 0.01 7.61 4.70
C ASN B 258 0.34 8.92 5.42
N MET B 259 -0.63 9.84 5.46
CA MET B 259 -0.67 10.96 6.45
C MET B 259 -0.55 10.32 7.85
N VAL B 260 0.44 10.73 8.64
CA VAL B 260 0.82 10.06 9.92
C VAL B 260 0.40 10.95 11.09
N LYS B 261 -0.16 10.34 12.14
CA LYS B 261 -0.53 11.01 13.43
C LYS B 261 0.76 11.35 14.19
N GLU B 262 1.06 12.63 14.35
CA GLU B 262 2.18 13.15 15.18
C GLU B 262 1.61 14.12 16.23
N PRO B 263 2.15 14.12 17.47
CA PRO B 263 1.56 14.90 18.56
C PRO B 263 1.49 16.42 18.33
N GLU B 264 2.38 16.95 17.47
CA GLU B 264 2.51 18.40 17.20
C GLU B 264 1.30 18.91 16.41
N PHE B 265 0.74 18.07 15.53
CA PHE B 265 -0.33 18.43 14.55
C PHE B 265 -1.71 18.10 15.14
N SER B 266 -2.76 18.65 14.51
CA SER B 266 -4.17 18.59 14.97
C SER B 266 -4.71 17.15 14.90
N ARG B 267 -5.63 16.81 15.80
CA ARG B 267 -6.33 15.50 15.86
C ARG B 267 -7.64 15.58 15.05
N SER B 268 -7.93 16.73 14.43
CA SER B 268 -9.20 17.03 13.73
C SER B 268 -9.45 16.02 12.59
N PHE B 269 -8.40 15.66 11.84
CA PHE B 269 -8.47 14.70 10.71
C PHE B 269 -8.84 13.31 11.22
N ASP B 270 -8.25 12.89 12.35
CA ASP B 270 -8.52 11.59 13.02
C ASP B 270 -10.02 11.45 13.28
N ILE B 271 -10.67 12.54 13.73
CA ILE B 271 -12.13 12.57 14.06
C ILE B 271 -12.93 12.47 12.77
N LEU B 272 -12.53 13.20 11.71
CA LEU B 272 -13.19 13.17 10.39
C LEU B 272 -13.21 11.73 9.85
N MET B 273 -12.11 11.00 10.00
CA MET B 273 -11.97 9.58 9.54
C MET B 273 -12.94 8.69 10.32
N ASP B 274 -13.11 8.94 11.62
CA ASP B 274 -14.09 8.23 12.49
C ASP B 274 -15.51 8.48 11.96
N VAL B 275 -15.84 9.75 11.70
CA VAL B 275 -17.19 10.23 11.26
C VAL B 275 -17.55 9.56 9.92
N LEU B 276 -16.64 9.60 8.94
CA LEU B 276 -16.92 9.22 7.53
C LEU B 276 -16.77 7.71 7.31
N PHE B 277 -15.83 7.05 7.99
CA PHE B 277 -15.38 5.67 7.65
C PHE B 277 -15.35 4.72 8.87
N LEU B 278 -15.49 5.22 10.10
CA LEU B 278 -15.02 4.54 11.33
C LEU B 278 -13.55 4.18 11.17
N GLY B 279 -12.77 5.07 10.52
CA GLY B 279 -11.32 4.97 10.35
C GLY B 279 -10.59 5.73 11.45
N LYS B 280 -9.30 5.97 11.25
CA LYS B 280 -8.42 6.68 12.23
C LYS B 280 -7.09 7.02 11.56
N GLU B 281 -6.48 8.14 11.96
CA GLU B 281 -5.09 8.52 11.57
C GLU B 281 -4.13 7.86 12.55
N ARG B 282 -3.26 6.96 12.05
CA ARG B 282 -2.38 6.10 12.87
C ARG B 282 -0.96 6.69 12.91
N SER B 283 -0.18 6.32 13.93
CA SER B 283 1.26 6.64 14.08
C SER B 283 2.09 5.59 13.33
N PHE B 284 3.40 5.82 13.19
CA PHE B 284 4.38 4.86 12.63
C PHE B 284 4.22 3.51 13.35
N THR B 285 4.21 3.54 14.68
CA THR B 285 4.12 2.36 15.59
C THR B 285 2.87 1.53 15.24
N GLU B 286 1.71 2.19 15.12
CA GLU B 286 0.40 1.54 14.87
C GLU B 286 0.39 0.93 13.46
N PHE B 287 0.97 1.60 12.47
CA PHE B 287 1.11 1.11 11.07
C PHE B 287 2.01 -0.15 11.06
N GLU B 288 3.14 -0.08 11.77
CA GLU B 288 4.13 -1.19 11.87
C GLU B 288 3.48 -2.42 12.51
N TYR B 289 2.66 -2.21 13.55
CA TYR B 289 1.94 -3.28 14.29
C TYR B 289 1.02 -4.05 13.32
N LEU B 290 0.19 -3.32 12.57
CA LEU B 290 -0.79 -3.91 11.60
C LEU B 290 -0.05 -4.74 10.55
N ALA B 291 1.07 -4.22 10.04
CA ALA B 291 1.94 -4.89 9.03
C ALA B 291 2.50 -6.19 9.61
N ASN B 292 2.95 -6.16 10.87
CA ASN B 292 3.52 -7.33 11.59
C ASN B 292 2.44 -8.40 11.78
N GLN B 293 1.22 -7.99 12.11
CA GLN B 293 0.04 -8.89 12.30
C GLN B 293 -0.34 -9.55 10.97
N ALA B 294 -0.12 -8.85 9.84
CA ALA B 294 -0.47 -9.29 8.47
C ALA B 294 0.61 -10.24 7.92
N GLY B 295 1.78 -10.31 8.58
CA GLY B 295 2.91 -11.18 8.20
C GLY B 295 3.86 -10.47 7.26
N LEU B 296 4.04 -9.15 7.43
CA LEU B 296 4.96 -8.30 6.63
C LEU B 296 6.06 -7.75 7.54
N VAL B 297 7.25 -7.52 6.96
CA VAL B 297 8.48 -7.05 7.67
C VAL B 297 8.82 -5.64 7.16
N VAL B 298 9.15 -4.71 8.08
CA VAL B 298 9.55 -3.32 7.76
C VAL B 298 11.03 -3.32 7.37
N GLN B 299 11.34 -2.95 6.12
CA GLN B 299 12.71 -2.90 5.55
C GLN B 299 13.29 -1.49 5.75
N GLU B 300 12.45 -0.46 5.59
CA GLU B 300 12.88 0.97 5.49
C GLU B 300 11.69 1.87 5.86
N THR B 301 11.94 2.92 6.66
CA THR B 301 10.95 3.94 7.07
C THR B 301 11.54 5.34 6.88
N LYS B 302 10.71 6.29 6.43
CA LYS B 302 11.10 7.71 6.22
C LYS B 302 9.87 8.61 6.45
N VAL B 303 10.11 9.89 6.77
CA VAL B 303 9.07 10.95 6.91
C VAL B 303 9.17 11.89 5.70
N ILE B 304 8.05 12.09 5.00
CA ILE B 304 7.91 13.07 3.88
C ILE B 304 7.08 14.26 4.39
N ASP B 305 7.64 15.47 4.35
CA ASP B 305 6.97 16.72 4.79
C ASP B 305 6.11 17.24 3.64
N GLN B 306 4.79 17.35 3.86
CA GLN B 306 3.83 18.07 2.97
C GLN B 306 3.27 19.26 3.77
N SER B 307 2.90 20.33 3.07
CA SER B 307 2.42 21.61 3.65
C SER B 307 1.36 21.34 4.72
N TYR B 308 0.39 20.48 4.42
CA TYR B 308 -0.85 20.27 5.22
C TYR B 308 -0.67 19.20 6.30
N SER B 309 0.27 18.27 6.12
CA SER B 309 0.47 17.11 7.04
C SER B 309 1.81 16.42 6.78
N PRO B 310 2.42 15.79 7.82
CA PRO B 310 3.53 14.87 7.61
C PRO B 310 3.03 13.51 7.09
N TYR B 311 3.87 12.82 6.30
CA TYR B 311 3.59 11.48 5.72
C TYR B 311 4.59 10.45 6.26
N SER B 312 4.12 9.24 6.56
CA SER B 312 4.95 8.06 6.90
C SER B 312 5.15 7.20 5.64
N PHE B 313 6.42 7.06 5.20
CA PHE B 313 6.84 6.16 4.10
C PHE B 313 7.38 4.87 4.73
N ILE B 314 6.71 3.74 4.50
CA ILE B 314 7.07 2.40 5.07
C ILE B 314 7.18 1.39 3.92
N LYS B 315 8.39 0.87 3.68
CA LYS B 315 8.67 -0.22 2.70
C LYS B 315 8.48 -1.56 3.44
N LEU B 316 7.63 -2.45 2.90
CA LEU B 316 7.30 -3.76 3.50
C LEU B 316 7.64 -4.89 2.52
N GLN B 317 8.07 -6.04 3.05
CA GLN B 317 8.24 -7.33 2.32
C GLN B 317 7.70 -8.46 3.20
N ILE B 318 7.46 -9.64 2.60
CA ILE B 318 6.84 -10.81 3.29
C ILE B 318 7.84 -11.39 4.31
N LYS B 319 7.32 -12.07 5.34
CA LYS B 319 8.13 -12.76 6.39
C LYS B 319 8.81 -13.99 5.76
N SER C 1 38.27 -49.92 -7.17
CA SER C 1 37.28 -50.38 -6.17
C SER C 1 36.58 -49.18 -5.53
N MET C 2 35.54 -49.45 -4.73
CA MET C 2 34.80 -48.43 -3.96
C MET C 2 35.59 -48.06 -2.70
N LEU C 3 36.38 -49.01 -2.17
CA LEU C 3 37.13 -48.84 -0.89
C LEU C 3 38.33 -47.91 -1.10
N THR C 4 39.13 -48.13 -2.15
CA THR C 4 40.37 -47.35 -2.42
C THR C 4 40.01 -45.89 -2.70
N GLU C 5 38.87 -45.63 -3.35
CA GLU C 5 38.38 -44.24 -3.65
C GLU C 5 37.74 -43.65 -2.38
N LEU C 6 37.17 -44.49 -1.50
CA LEU C 6 36.68 -44.05 -0.17
C LEU C 6 37.89 -43.64 0.69
N ILE C 7 38.94 -44.48 0.72
CA ILE C 7 40.23 -44.18 1.42
C ILE C 7 40.78 -42.86 0.87
N ALA C 8 40.64 -42.63 -0.44
CA ALA C 8 41.17 -41.46 -1.18
C ALA C 8 40.12 -40.34 -1.26
N SER C 9 39.17 -40.28 -0.31
CA SER C 9 38.12 -39.22 -0.24
C SER C 9 38.78 -37.84 -0.12
N ASN C 10 39.88 -37.74 0.64
CA ASN C 10 40.66 -36.50 0.88
C ASN C 10 40.99 -35.80 -0.45
N ARG C 11 41.22 -36.57 -1.52
CA ARG C 11 41.63 -36.05 -2.86
C ARG C 11 40.53 -35.13 -3.42
N ARG C 12 39.25 -35.41 -3.11
CA ARG C 12 38.09 -34.61 -3.58
C ARG C 12 38.15 -33.21 -2.94
N SER C 13 38.32 -33.16 -1.61
CA SER C 13 38.44 -31.91 -0.82
C SER C 13 39.66 -31.10 -1.31
N ALA C 14 40.81 -31.77 -1.47
CA ALA C 14 42.09 -31.16 -1.87
C ALA C 14 41.98 -30.57 -3.28
N ALA C 15 41.28 -31.27 -4.19
CA ALA C 15 41.04 -30.83 -5.59
C ALA C 15 40.20 -29.54 -5.60
N ILE C 16 39.12 -29.51 -4.81
CA ILE C 16 38.22 -28.32 -4.67
C ILE C 16 39.03 -27.17 -4.07
N HIS C 17 39.86 -27.45 -3.06
CA HIS C 17 40.70 -26.45 -2.35
C HIS C 17 41.61 -25.72 -3.34
N ALA C 18 42.39 -26.47 -4.13
CA ALA C 18 43.31 -25.94 -5.16
C ALA C 18 42.54 -25.05 -6.14
N PHE C 19 41.35 -25.49 -6.55
CA PHE C 19 40.46 -24.79 -7.52
C PHE C 19 39.95 -23.47 -6.94
N VAL C 20 39.52 -23.47 -5.67
CA VAL C 20 38.84 -22.31 -5.02
C VAL C 20 39.88 -21.39 -4.37
N ASP C 21 40.83 -21.95 -3.61
CA ASP C 21 41.81 -21.19 -2.78
C ASP C 21 42.70 -20.31 -3.67
N THR C 22 43.05 -20.79 -4.87
CA THR C 22 43.87 -20.06 -5.88
C THR C 22 43.06 -18.90 -6.48
N GLY C 23 41.72 -18.98 -6.42
CA GLY C 23 40.81 -17.99 -7.01
C GLY C 23 40.49 -18.30 -8.46
N LEU C 24 40.91 -19.46 -8.96
CA LEU C 24 40.64 -19.92 -10.35
C LEU C 24 39.13 -20.06 -10.57
N SER C 25 38.38 -20.45 -9.53
CA SER C 25 36.91 -20.65 -9.57
C SER C 25 36.18 -19.32 -9.80
N THR C 26 36.82 -18.19 -9.48
CA THR C 26 36.23 -16.82 -9.62
C THR C 26 36.17 -16.40 -11.09
N HIS C 27 36.79 -17.17 -12.00
CA HIS C 27 36.75 -16.97 -13.47
C HIS C 27 35.49 -17.63 -14.08
N PHE C 28 34.69 -18.32 -13.25
CA PHE C 28 33.51 -19.13 -13.69
C PHE C 28 32.21 -18.51 -13.16
N LYS C 29 32.15 -17.17 -13.05
CA LYS C 29 30.95 -16.43 -12.55
C LYS C 29 29.81 -16.55 -13.56
N ASP C 30 28.56 -16.55 -13.06
CA ASP C 30 27.31 -16.46 -13.86
C ASP C 30 27.20 -17.64 -14.82
N GLY C 31 27.70 -18.82 -14.41
CA GLY C 31 27.57 -20.09 -15.14
C GLY C 31 28.14 -20.04 -16.55
N ILE C 32 29.14 -19.19 -16.81
CA ILE C 32 29.81 -19.07 -18.15
C ILE C 32 30.70 -20.29 -18.37
N TYR C 33 30.87 -20.70 -19.63
CA TYR C 33 31.79 -21.78 -20.05
C TYR C 33 33.18 -21.17 -20.28
N VAL C 34 34.20 -21.74 -19.62
CA VAL C 34 35.60 -21.24 -19.62
C VAL C 34 36.45 -22.13 -20.54
N ASP C 35 37.16 -21.52 -21.49
CA ASP C 35 38.21 -22.18 -22.32
C ASP C 35 39.50 -22.17 -21.50
N ILE C 36 40.04 -23.35 -21.18
CA ILE C 36 41.21 -23.52 -20.27
C ILE C 36 42.47 -22.98 -20.97
N SER C 37 42.56 -23.10 -22.30
CA SER C 37 43.66 -22.49 -23.10
C SER C 37 43.69 -20.97 -22.86
N GLU C 38 42.52 -20.32 -22.92
CA GLU C 38 42.36 -18.85 -22.72
C GLU C 38 42.62 -18.50 -21.25
N LEU C 39 42.09 -19.29 -20.31
CA LEU C 39 42.28 -19.07 -18.84
C LEU C 39 43.78 -19.15 -18.51
N SER C 40 44.47 -20.16 -19.05
N SER C 40 44.48 -20.15 -19.05
CA SER C 40 45.94 -20.39 -18.88
CA SER C 40 45.94 -20.38 -18.86
C SER C 40 46.72 -19.17 -19.36
C SER C 40 46.73 -19.17 -19.37
N ARG C 41 46.35 -18.62 -20.52
CA ARG C 41 46.99 -17.42 -21.12
C ARG C 41 46.75 -16.19 -20.24
N LYS C 42 45.55 -16.07 -19.66
CA LYS C 42 45.09 -14.90 -18.86
C LYS C 42 45.72 -14.97 -17.45
N SER C 43 45.62 -16.12 -16.79
CA SER C 43 45.91 -16.31 -15.34
C SER C 43 47.35 -16.82 -15.12
N GLY C 44 47.91 -17.57 -16.09
CA GLY C 44 49.25 -18.16 -16.01
C GLY C 44 49.22 -19.55 -15.38
N VAL C 45 48.04 -20.12 -15.17
CA VAL C 45 47.85 -21.53 -14.68
C VAL C 45 48.28 -22.47 -15.81
N ASN C 46 48.91 -23.61 -15.47
CA ASN C 46 49.40 -24.62 -16.44
C ASN C 46 48.19 -25.28 -17.12
N TYR C 47 48.12 -25.20 -18.45
CA TYR C 47 46.96 -25.67 -19.26
C TYR C 47 46.69 -27.15 -19.01
N ALA C 48 47.66 -28.01 -19.32
CA ALA C 48 47.54 -29.48 -19.33
C ALA C 48 47.21 -29.99 -17.92
N ARG C 49 47.87 -29.44 -16.90
CA ARG C 49 47.76 -29.89 -15.49
C ARG C 49 46.42 -29.42 -14.89
N PHE C 50 45.97 -28.22 -15.22
CA PHE C 50 44.66 -27.68 -14.74
C PHE C 50 43.51 -28.35 -15.49
N SER C 51 43.70 -28.65 -16.78
CA SER C 51 42.74 -29.40 -17.63
C SER C 51 42.45 -30.77 -16.99
N ARG C 52 43.49 -31.42 -16.46
CA ARG C 52 43.39 -32.73 -15.77
C ARG C 52 42.60 -32.56 -14.45
N LEU C 53 42.85 -31.47 -13.71
CA LEU C 53 42.11 -31.13 -12.47
C LEU C 53 40.63 -30.91 -12.82
N CYS C 54 40.36 -30.19 -13.91
CA CYS C 54 38.98 -29.89 -14.40
C CYS C 54 38.24 -31.19 -14.73
N ASP C 55 38.93 -32.18 -15.31
CA ASP C 55 38.36 -33.52 -15.63
C ASP C 55 37.90 -34.21 -14.34
N PHE C 56 38.70 -34.09 -13.27
CA PHE C 56 38.40 -34.67 -11.93
C PHE C 56 37.22 -33.91 -11.29
N LEU C 57 37.17 -32.59 -11.48
CA LEU C 57 36.07 -31.72 -10.97
C LEU C 57 34.75 -32.05 -11.69
N VAL C 58 34.82 -32.43 -12.97
CA VAL C 58 33.63 -32.88 -13.77
C VAL C 58 33.12 -34.20 -13.17
N GLU C 59 34.02 -35.15 -12.91
CA GLU C 59 33.73 -36.47 -12.29
C GLU C 59 32.99 -36.26 -10.95
N MET C 60 33.44 -35.28 -10.16
N MET C 60 33.42 -35.27 -10.16
CA MET C 60 32.87 -34.91 -8.84
CA MET C 60 32.85 -34.94 -8.83
C MET C 60 31.51 -34.21 -9.00
C MET C 60 31.53 -34.16 -8.98
N GLY C 61 31.26 -33.62 -10.18
CA GLY C 61 30.01 -32.87 -10.47
C GLY C 61 30.13 -31.40 -10.13
N VAL C 62 31.36 -30.92 -9.84
CA VAL C 62 31.65 -29.49 -9.53
C VAL C 62 31.62 -28.69 -10.84
N LEU C 63 32.20 -29.25 -11.91
CA LEU C 63 32.22 -28.65 -13.27
C LEU C 63 31.32 -29.46 -14.22
N VAL C 64 30.84 -28.82 -15.28
CA VAL C 64 30.11 -29.46 -16.42
C VAL C 64 30.92 -29.22 -17.69
N SER C 65 31.26 -30.29 -18.41
CA SER C 65 32.08 -30.25 -19.66
C SER C 65 31.17 -30.18 -20.89
N ASN C 66 31.45 -29.25 -21.79
CA ASN C 66 30.73 -29.09 -23.10
C ASN C 66 31.57 -28.23 -24.04
N ASP C 67 31.68 -28.65 -25.31
CA ASP C 67 32.33 -27.88 -26.40
C ASP C 67 33.79 -27.59 -26.02
N ASN C 68 34.46 -28.55 -25.37
CA ASN C 68 35.88 -28.46 -24.92
C ASN C 68 36.05 -27.25 -23.97
N LYS C 69 35.01 -26.96 -23.18
CA LYS C 69 35.01 -25.87 -22.16
C LYS C 69 34.36 -26.40 -20.88
N PHE C 70 34.51 -25.66 -19.78
CA PHE C 70 34.02 -26.06 -18.42
C PHE C 70 33.25 -24.89 -17.80
N ARG C 71 32.08 -25.17 -17.23
CA ARG C 71 31.31 -24.24 -16.35
C ARG C 71 31.16 -24.90 -14.98
N LEU C 72 30.93 -24.09 -13.95
CA LEU C 72 30.46 -24.58 -12.62
C LEU C 72 29.05 -25.14 -12.78
N SER C 73 28.75 -26.28 -12.16
CA SER C 73 27.38 -26.83 -12.02
C SER C 73 26.52 -25.81 -11.29
N ASP C 74 25.20 -25.83 -11.50
CA ASP C 74 24.23 -24.88 -10.90
C ASP C 74 24.47 -24.81 -9.38
N GLU C 75 24.63 -25.97 -8.72
CA GLU C 75 24.82 -26.08 -7.25
C GLU C 75 26.12 -25.39 -6.82
N CYS C 76 27.19 -25.53 -7.62
CA CYS C 76 28.58 -25.09 -7.27
C CYS C 76 28.85 -23.66 -7.79
N HIS C 77 27.82 -22.91 -8.17
CA HIS C 77 27.92 -21.48 -8.59
C HIS C 77 28.56 -20.66 -7.47
N VAL C 78 28.36 -21.07 -6.21
CA VAL C 78 28.86 -20.42 -4.97
C VAL C 78 30.39 -20.32 -4.99
N PHE C 79 31.09 -21.27 -5.63
CA PHE C 79 32.58 -21.31 -5.69
C PHE C 79 33.12 -20.14 -6.54
N ALA C 80 32.30 -19.52 -7.40
CA ALA C 80 32.66 -18.33 -8.20
C ALA C 80 32.70 -17.08 -7.32
N ASN C 81 32.06 -17.14 -6.14
CA ASN C 81 31.98 -16.03 -5.15
C ASN C 81 32.96 -16.30 -4.01
N PRO C 82 34.04 -15.52 -3.86
CA PRO C 82 34.99 -15.71 -2.75
C PRO C 82 34.38 -15.40 -1.38
N GLU C 83 33.26 -14.65 -1.35
CA GLU C 83 32.56 -14.21 -0.11
C GLU C 83 31.55 -15.26 0.35
N SER C 84 31.27 -16.29 -0.47
CA SER C 84 30.34 -17.40 -0.15
C SER C 84 30.86 -18.19 1.04
N PHE C 85 29.97 -18.77 1.85
CA PHE C 85 30.31 -19.58 3.04
C PHE C 85 31.07 -20.84 2.61
N GLU C 86 30.71 -21.38 1.43
CA GLU C 86 31.32 -22.61 0.84
C GLU C 86 32.80 -22.35 0.54
N SER C 87 33.15 -21.14 0.11
CA SER C 87 34.54 -20.71 -0.20
C SER C 87 35.38 -20.67 1.08
N PHE C 88 34.83 -20.10 2.16
CA PHE C 88 35.47 -20.04 3.50
C PHE C 88 35.55 -21.45 4.11
N MET C 89 34.53 -22.28 3.88
CA MET C 89 34.44 -23.67 4.41
C MET C 89 35.65 -24.48 3.93
N ILE C 90 35.87 -24.56 2.61
CA ILE C 90 36.95 -25.40 2.00
C ILE C 90 38.32 -24.86 2.42
N LYS C 91 38.45 -23.53 2.58
CA LYS C 91 39.72 -22.85 2.97
C LYS C 91 40.13 -23.30 4.38
N LEU C 92 39.16 -23.60 5.25
CA LEU C 92 39.39 -24.10 6.63
C LEU C 92 39.46 -25.64 6.65
N GLU C 93 38.60 -26.30 5.87
CA GLU C 93 38.33 -27.76 5.92
C GLU C 93 39.65 -28.55 5.91
N ILE C 94 40.58 -28.23 4.98
CA ILE C 94 41.85 -29.00 4.82
C ILE C 94 43.06 -28.08 5.05
N CYS C 95 42.90 -26.95 5.75
CA CYS C 95 44.04 -26.10 6.20
C CYS C 95 44.92 -26.94 7.14
N SER C 96 46.22 -26.64 7.22
CA SER C 96 47.23 -27.43 7.96
C SER C 96 46.78 -27.70 9.40
N HIS C 97 46.13 -26.72 10.04
CA HIS C 97 45.70 -26.78 11.46
C HIS C 97 44.61 -27.85 11.63
N TYR C 98 43.62 -27.88 10.75
CA TYR C 98 42.51 -28.88 10.77
C TYR C 98 43.10 -30.27 10.48
N SER C 99 43.93 -30.37 9.44
CA SER C 99 44.63 -31.61 9.00
C SER C 99 45.42 -32.22 10.15
N ASN C 100 46.23 -31.42 10.84
CA ASN C 100 47.11 -31.87 11.96
C ASN C 100 46.27 -32.26 13.17
N ALA C 101 45.12 -31.61 13.36
CA ALA C 101 44.12 -31.96 14.40
C ALA C 101 43.57 -33.36 14.11
N TRP C 102 43.17 -33.63 12.86
CA TRP C 102 42.65 -34.94 12.40
C TRP C 102 43.70 -36.04 12.61
N LEU C 103 45.00 -35.72 12.49
CA LEU C 103 46.10 -36.70 12.66
C LEU C 103 46.30 -37.07 14.13
N MET C 104 45.79 -36.25 15.06
CA MET C 104 45.84 -36.50 16.52
C MET C 104 44.52 -37.13 17.00
N TYR C 105 43.51 -37.21 16.13
CA TYR C 105 42.14 -37.70 16.45
C TYR C 105 42.22 -39.13 17.02
N GLY C 106 42.91 -40.04 16.32
CA GLY C 106 43.09 -41.44 16.74
C GLY C 106 43.67 -41.54 18.15
N LYS C 107 44.72 -40.76 18.43
CA LYS C 107 45.44 -40.76 19.74
C LYS C 107 44.56 -40.09 20.80
N SER C 108 43.75 -39.10 20.43
CA SER C 108 42.84 -38.34 21.34
C SER C 108 41.79 -39.28 21.95
N LEU C 109 41.44 -40.37 21.26
CA LEU C 109 40.38 -41.33 21.68
C LEU C 109 40.85 -42.15 22.89
N PHE C 110 42.16 -42.24 23.13
CA PHE C 110 42.78 -43.04 24.23
C PHE C 110 43.13 -42.15 25.42
N GLU C 111 42.89 -40.83 25.34
CA GLU C 111 43.18 -39.83 26.41
C GLU C 111 41.88 -39.47 27.12
N ASP C 112 41.96 -39.25 28.44
CA ASP C 112 40.80 -38.91 29.32
C ASP C 112 41.12 -37.63 30.11
N ASP C 113 41.95 -36.75 29.54
CA ASP C 113 42.44 -35.51 30.20
C ASP C 113 41.66 -34.28 29.70
N GLY C 114 40.66 -34.49 28.83
CA GLY C 114 39.76 -33.44 28.31
C GLY C 114 40.47 -32.51 27.35
N LYS C 115 41.47 -33.01 26.62
CA LYS C 115 42.23 -32.24 25.59
C LYS C 115 41.81 -32.73 24.19
N SER C 116 41.25 -31.84 23.38
CA SER C 116 40.82 -32.11 21.98
C SER C 116 42.04 -32.48 21.13
N ALA C 117 41.81 -33.21 20.03
CA ALA C 117 42.83 -33.56 19.02
C ALA C 117 43.53 -32.29 18.54
N PHE C 118 42.78 -31.20 18.38
CA PHE C 118 43.29 -29.85 17.98
C PHE C 118 44.30 -29.35 19.02
N GLU C 119 43.96 -29.45 20.31
CA GLU C 119 44.82 -28.98 21.43
C GLU C 119 46.09 -29.85 21.48
N MET C 120 45.96 -31.16 21.31
CA MET C 120 47.11 -32.12 21.27
C MET C 120 48.05 -31.76 20.12
N ALA C 121 47.49 -31.29 19.00
CA ALA C 121 48.24 -30.91 17.78
C ALA C 121 48.90 -29.53 17.95
N HIS C 122 48.18 -28.56 18.54
CA HIS C 122 48.50 -27.11 18.47
C HIS C 122 48.83 -26.50 19.84
N GLY C 123 48.55 -27.20 20.95
CA GLY C 123 49.01 -26.83 22.29
C GLY C 123 48.01 -26.00 23.09
N ARG C 124 46.94 -25.52 22.44
CA ARG C 124 45.84 -24.75 23.10
C ARG C 124 44.49 -25.22 22.57
N PRO C 125 43.39 -25.06 23.34
CA PRO C 125 42.05 -25.29 22.81
C PRO C 125 41.73 -24.31 21.68
N PHE C 126 40.80 -24.70 20.80
CA PHE C 126 40.52 -24.07 19.47
C PHE C 126 40.53 -22.54 19.58
N PHE C 127 39.62 -21.97 20.39
CA PHE C 127 39.33 -20.51 20.43
C PHE C 127 40.51 -19.75 21.07
N GLU C 128 41.19 -20.35 22.05
CA GLU C 128 42.41 -19.78 22.68
C GLU C 128 43.53 -19.69 21.64
N TYR C 129 43.64 -20.69 20.75
CA TYR C 129 44.66 -20.72 19.66
C TYR C 129 44.34 -19.65 18.61
N LEU C 130 43.06 -19.45 18.29
CA LEU C 130 42.57 -18.47 17.29
C LEU C 130 42.95 -17.04 17.71
N ASP C 131 43.10 -16.79 19.01
CA ASP C 131 43.55 -15.48 19.57
C ASP C 131 44.91 -15.09 19.00
N GLY C 132 45.78 -16.08 18.73
CA GLY C 132 47.17 -15.87 18.29
C GLY C 132 47.41 -16.18 16.82
N ASN C 133 46.35 -16.53 16.06
CA ASN C 133 46.44 -16.92 14.63
C ASN C 133 45.38 -16.16 13.83
N LYS C 134 45.81 -15.19 13.01
CA LYS C 134 44.92 -14.31 12.19
C LYS C 134 44.22 -15.11 11.11
N PHE C 135 44.92 -16.05 10.45
CA PHE C 135 44.40 -16.87 9.33
C PHE C 135 43.15 -17.62 9.79
N LEU C 136 43.27 -18.43 10.85
CA LEU C 136 42.16 -19.24 11.42
C LEU C 136 41.05 -18.31 11.91
N LYS C 137 41.40 -17.32 12.73
CA LYS C 137 40.45 -16.34 13.35
C LYS C 137 39.58 -15.70 12.26
N SER C 138 40.20 -14.99 11.32
CA SER C 138 39.53 -14.19 10.26
C SER C 138 38.63 -15.11 9.40
N ASN C 139 39.15 -16.26 8.98
CA ASN C 139 38.44 -17.22 8.08
C ASN C 139 37.29 -17.90 8.82
N PHE C 140 37.51 -18.28 10.09
CA PHE C 140 36.47 -18.93 10.95
C PHE C 140 35.34 -17.93 11.23
N ASP C 141 35.69 -16.73 11.71
CA ASP C 141 34.73 -15.64 12.02
C ASP C 141 33.96 -15.26 10.75
N ALA C 142 34.64 -15.25 9.59
CA ALA C 142 34.04 -14.99 8.26
C ALA C 142 33.00 -16.07 7.94
N LEU C 143 33.34 -17.35 8.15
CA LEU C 143 32.45 -18.51 7.90
C LEU C 143 31.19 -18.37 8.77
N MET C 144 31.36 -18.10 10.06
CA MET C 144 30.25 -17.94 11.05
C MET C 144 29.35 -16.77 10.62
N THR C 145 29.95 -15.68 10.16
CA THR C 145 29.25 -14.45 9.67
C THR C 145 28.36 -14.83 8.46
N ARG C 146 28.89 -15.60 7.51
CA ARG C 146 28.19 -15.97 6.25
C ARG C 146 26.98 -16.84 6.57
N VAL C 147 27.15 -17.88 7.40
CA VAL C 147 26.07 -18.84 7.75
C VAL C 147 25.04 -18.14 8.65
N SER C 148 25.46 -17.17 9.46
CA SER C 148 24.57 -16.30 10.28
C SER C 148 23.67 -15.46 9.36
N ASN C 149 24.26 -14.82 8.35
CA ASN C 149 23.56 -13.97 7.36
C ASN C 149 22.46 -14.77 6.65
N LEU C 150 22.73 -16.05 6.33
CA LEU C 150 21.83 -16.92 5.53
C LEU C 150 20.55 -17.25 6.32
N ILE C 151 20.65 -17.47 7.63
CA ILE C 151 19.53 -18.00 8.48
C ILE C 151 18.64 -16.85 8.97
N VAL C 152 19.12 -15.59 8.92
CA VAL C 152 18.41 -14.39 9.46
C VAL C 152 16.97 -14.36 8.93
N GLU C 153 16.80 -14.50 7.61
CA GLU C 153 15.49 -14.41 6.90
C GLU C 153 14.49 -15.39 7.53
N LYS C 154 14.90 -16.63 7.76
CA LYS C 154 14.03 -17.72 8.28
C LYS C 154 13.75 -17.51 9.78
N LEU C 155 14.68 -16.90 10.52
CA LEU C 155 14.52 -16.59 11.97
C LEU C 155 13.43 -15.52 12.16
N LEU C 156 13.53 -14.42 11.40
CA LEU C 156 12.54 -13.30 11.40
C LEU C 156 11.16 -13.84 11.01
N GLY C 157 11.11 -14.88 10.18
CA GLY C 157 9.87 -15.51 9.68
C GLY C 157 9.10 -16.25 10.76
N ILE C 158 9.79 -17.03 11.60
CA ILE C 158 9.15 -18.02 12.53
C ILE C 158 9.06 -17.46 13.96
N TYR C 159 9.68 -16.30 14.24
CA TYR C 159 9.66 -15.66 15.59
C TYR C 159 9.42 -14.16 15.46
N ASP C 160 8.62 -13.61 16.39
CA ASP C 160 8.30 -12.16 16.52
C ASP C 160 9.37 -11.51 17.42
N PHE C 161 10.30 -10.77 16.82
CA PHE C 161 11.41 -10.05 17.52
C PHE C 161 10.93 -8.66 17.96
N ASN C 162 9.79 -8.20 17.46
CA ASN C 162 9.20 -6.86 17.73
C ASN C 162 8.69 -6.79 19.18
N GLN C 163 8.28 -7.92 19.75
CA GLN C 163 7.69 -8.00 21.13
C GLN C 163 8.77 -7.68 22.18
N HIS C 164 10.05 -7.89 21.84
CA HIS C 164 11.21 -7.74 22.77
C HIS C 164 11.76 -6.30 22.69
N ASN C 165 12.52 -5.91 23.73
CA ASN C 165 13.08 -4.55 23.91
C ASN C 165 14.62 -4.61 23.91
N ARG C 166 15.20 -5.44 24.79
CA ARG C 166 16.66 -5.57 25.01
C ARG C 166 17.11 -6.98 24.61
N ILE C 167 18.00 -7.09 23.62
CA ILE C 167 18.41 -8.37 22.97
C ILE C 167 19.93 -8.53 23.08
N LEU C 168 20.38 -9.65 23.68
CA LEU C 168 21.80 -10.02 23.81
C LEU C 168 22.06 -11.33 23.04
N ASP C 169 22.98 -11.29 22.07
CA ASP C 169 23.49 -12.49 21.35
C ASP C 169 24.78 -12.94 22.03
N VAL C 170 24.72 -14.07 22.76
CA VAL C 170 25.86 -14.62 23.57
C VAL C 170 26.69 -15.53 22.65
N GLY C 171 28.00 -15.24 22.54
CA GLY C 171 28.92 -15.89 21.59
C GLY C 171 28.54 -15.56 20.16
N GLY C 172 28.25 -14.28 19.88
CA GLY C 172 27.72 -13.80 18.59
C GLY C 172 28.81 -13.51 17.58
N GLY C 173 30.09 -13.62 17.97
CA GLY C 173 31.25 -13.44 17.08
C GLY C 173 31.39 -12.00 16.60
N GLU C 174 31.36 -11.80 15.28
CA GLU C 174 31.44 -10.45 14.64
C GLU C 174 30.11 -9.71 14.83
N GLY C 175 29.05 -10.43 15.20
CA GLY C 175 27.73 -9.86 15.57
C GLY C 175 26.81 -9.70 14.38
N GLU C 176 27.01 -10.51 13.33
CA GLU C 176 26.30 -10.42 12.03
C GLU C 176 24.79 -10.63 12.24
N LEU C 177 24.40 -11.59 13.07
CA LEU C 177 22.98 -11.98 13.30
C LEU C 177 22.18 -10.74 13.72
N LEU C 178 22.61 -10.05 14.78
CA LEU C 178 21.88 -8.90 15.36
C LEU C 178 22.03 -7.66 14.47
N VAL C 179 23.17 -7.51 13.78
CA VAL C 179 23.43 -6.40 12.81
C VAL C 179 22.34 -6.45 11.72
N ARG C 180 21.96 -7.65 11.27
CA ARG C 180 20.96 -7.87 10.19
C ARG C 180 19.54 -7.78 10.78
N ILE C 181 19.30 -8.37 11.95
CA ILE C 181 17.98 -8.33 12.65
C ILE C 181 17.63 -6.86 12.96
N SER C 182 18.61 -6.06 13.38
CA SER C 182 18.45 -4.64 13.78
C SER C 182 18.00 -3.79 12.60
N GLU C 183 18.43 -4.14 11.38
CA GLU C 183 18.05 -3.44 10.12
C GLU C 183 16.55 -3.63 9.85
N LYS C 184 16.01 -4.80 10.17
CA LYS C 184 14.58 -5.19 9.93
C LYS C 184 13.73 -4.87 11.17
N VAL C 185 14.36 -4.85 12.35
CA VAL C 185 13.69 -4.61 13.67
C VAL C 185 14.42 -3.46 14.39
N LYS C 186 14.03 -2.23 14.10
CA LYS C 186 14.70 -0.98 14.59
C LYS C 186 14.03 -0.51 15.89
N GLY C 187 14.74 0.32 16.67
CA GLY C 187 14.23 0.96 17.90
C GLY C 187 14.46 0.13 19.14
N LYS C 188 15.19 -0.98 19.03
CA LYS C 188 15.53 -1.90 20.15
C LYS C 188 16.98 -1.64 20.58
N HIS C 189 17.38 -2.16 21.75
CA HIS C 189 18.79 -2.20 22.22
C HIS C 189 19.40 -3.55 21.86
N TYR C 190 20.51 -3.53 21.11
CA TYR C 190 21.22 -4.73 20.59
C TYR C 190 22.61 -4.81 21.23
N ALA C 191 22.92 -5.95 21.87
CA ALA C 191 24.22 -6.25 22.50
C ALA C 191 24.73 -7.59 22.00
N VAL C 192 26.05 -7.72 21.82
CA VAL C 192 26.74 -8.97 21.39
C VAL C 192 27.87 -9.26 22.39
N LEU C 193 27.81 -10.42 23.06
CA LEU C 193 28.84 -10.90 24.01
C LEU C 193 29.71 -11.95 23.31
N ASP C 194 31.04 -11.79 23.38
CA ASP C 194 32.04 -12.77 22.88
C ASP C 194 33.39 -12.46 23.52
N ARG C 195 34.44 -13.16 23.12
CA ARG C 195 35.84 -12.94 23.58
C ARG C 195 36.53 -11.96 22.63
N TYR C 196 36.65 -10.69 23.04
CA TYR C 196 37.25 -9.59 22.23
C TYR C 196 38.49 -9.04 22.95
N SER C 197 39.64 -9.04 22.25
CA SER C 197 40.86 -8.30 22.66
C SER C 197 40.68 -6.82 22.33
N GLU C 198 40.11 -6.53 21.15
CA GLU C 198 39.59 -5.20 20.74
C GLU C 198 38.11 -5.35 20.38
N LEU C 199 37.25 -4.48 20.92
CA LEU C 199 35.77 -4.49 20.69
C LEU C 199 35.47 -4.11 19.24
N PRO C 200 34.67 -4.90 18.50
CA PRO C 200 34.15 -4.47 17.21
C PRO C 200 33.27 -3.21 17.32
N VAL C 201 33.10 -2.49 16.21
CA VAL C 201 32.28 -1.24 16.14
C VAL C 201 31.21 -1.41 15.05
N SER C 202 29.94 -1.21 15.42
CA SER C 202 28.77 -1.22 14.50
C SER C 202 27.68 -0.30 15.06
N ASP C 203 26.88 0.30 14.17
CA ASP C 203 25.80 1.26 14.52
C ASP C 203 24.71 0.54 15.33
N ASN C 204 24.47 1.01 16.56
CA ASN C 204 23.41 0.51 17.49
C ASN C 204 23.67 -0.97 17.83
N ILE C 205 24.92 -1.34 18.10
CA ILE C 205 25.33 -2.68 18.62
C ILE C 205 26.30 -2.46 19.79
N ASP C 206 25.95 -2.97 20.98
CA ASP C 206 26.80 -2.90 22.21
C ASP C 206 27.65 -4.17 22.30
N PHE C 207 28.90 -4.11 21.88
CA PHE C 207 29.87 -5.24 21.88
C PHE C 207 30.47 -5.38 23.28
N ILE C 208 30.27 -6.54 23.91
CA ILE C 208 30.69 -6.85 25.32
C ILE C 208 31.77 -7.93 25.28
N ASN C 209 32.94 -7.66 25.86
CA ASN C 209 33.98 -8.68 26.15
C ASN C 209 33.57 -9.44 27.42
N GLY C 210 33.24 -10.73 27.28
CA GLY C 210 32.72 -11.57 28.38
C GLY C 210 33.13 -13.02 28.25
N ASN C 211 32.63 -13.86 29.15
CA ASN C 211 32.90 -15.32 29.23
C ASN C 211 31.64 -16.02 29.75
N PHE C 212 30.91 -16.72 28.88
CA PHE C 212 29.59 -17.34 29.19
C PHE C 212 29.76 -18.55 30.12
N LEU C 213 30.99 -19.02 30.32
CA LEU C 213 31.33 -20.07 31.33
C LEU C 213 31.29 -19.44 32.73
N ASN C 214 31.69 -18.16 32.85
CA ASN C 214 31.75 -17.40 34.12
C ASN C 214 30.37 -16.85 34.48
N SER C 215 29.83 -15.98 33.63
N SER C 215 29.83 -15.97 33.64
CA SER C 215 28.55 -15.25 33.86
CA SER C 215 28.54 -15.27 33.86
C SER C 215 27.97 -14.75 32.54
C SER C 215 27.97 -14.75 32.54
N ILE C 216 26.64 -14.54 32.51
CA ILE C 216 25.90 -13.89 31.39
C ILE C 216 25.18 -12.69 31.99
N PRO C 217 25.34 -11.47 31.44
CA PRO C 217 24.79 -10.27 32.08
C PRO C 217 23.26 -10.25 32.08
N SER C 218 22.67 -9.77 33.17
CA SER C 218 21.20 -9.63 33.37
C SER C 218 20.72 -8.31 32.74
N GLY C 219 19.40 -8.15 32.60
CA GLY C 219 18.76 -6.91 32.11
C GLY C 219 18.36 -6.99 30.64
N TYR C 220 18.27 -8.21 30.09
CA TYR C 220 17.78 -8.47 28.71
C TYR C 220 16.57 -9.42 28.79
N ASP C 221 15.55 -9.16 27.95
CA ASP C 221 14.29 -9.97 27.89
C ASP C 221 14.40 -11.00 26.77
N LEU C 222 15.33 -10.81 25.82
CA LEU C 222 15.64 -11.81 24.75
C LEU C 222 17.13 -12.16 24.80
N TYR C 223 17.44 -13.45 24.97
CA TYR C 223 18.81 -14.02 24.89
C TYR C 223 18.89 -14.95 23.68
N ILE C 224 20.02 -14.93 22.97
CA ILE C 224 20.30 -15.79 21.78
C ILE C 224 21.61 -16.53 22.00
N LEU C 225 21.59 -17.86 21.85
CA LEU C 225 22.78 -18.75 21.87
C LEU C 225 22.77 -19.62 20.60
N LYS C 226 23.44 -19.16 19.54
CA LYS C 226 23.41 -19.77 18.19
C LYS C 226 24.72 -20.50 17.92
N ASN C 227 24.65 -21.81 17.66
CA ASN C 227 25.80 -22.68 17.27
C ASN C 227 26.95 -22.48 18.26
N VAL C 228 26.69 -22.67 19.56
CA VAL C 228 27.70 -22.59 20.66
C VAL C 228 27.84 -23.97 21.30
N LEU C 229 26.73 -24.58 21.72
CA LEU C 229 26.70 -25.77 22.62
C LEU C 229 27.44 -26.96 21.99
N HIS C 230 27.47 -27.09 20.66
CA HIS C 230 28.16 -28.21 19.97
C HIS C 230 29.68 -28.06 20.06
N ASN C 231 30.18 -26.96 20.66
CA ASN C 231 31.62 -26.75 20.97
C ASN C 231 31.95 -27.20 22.39
N TRP C 232 30.95 -27.66 23.17
CA TRP C 232 31.09 -27.87 24.64
C TRP C 232 30.55 -29.25 25.05
N SER C 233 31.14 -29.82 26.11
CA SER C 233 30.70 -31.06 26.78
C SER C 233 29.30 -30.85 27.40
N ASP C 234 28.67 -31.94 27.85
CA ASP C 234 27.32 -31.92 28.49
C ASP C 234 27.36 -31.04 29.75
N SER C 235 28.42 -31.17 30.56
CA SER C 235 28.61 -30.44 31.85
C SER C 235 28.77 -28.94 31.58
N ASP C 236 29.65 -28.57 30.63
CA ASP C 236 29.93 -27.17 30.25
C ASP C 236 28.70 -26.55 29.59
N SER C 237 27.93 -27.33 28.83
CA SER C 237 26.66 -26.92 28.18
C SER C 237 25.63 -26.56 29.25
N ILE C 238 25.49 -27.40 30.29
CA ILE C 238 24.58 -27.19 31.45
C ILE C 238 25.02 -25.92 32.20
N LEU C 239 26.33 -25.74 32.40
CA LEU C 239 26.93 -24.56 33.08
C LEU C 239 26.51 -23.27 32.37
N ILE C 240 26.62 -23.24 31.04
CA ILE C 240 26.26 -22.07 30.18
C ILE C 240 24.76 -21.77 30.36
N LEU C 241 23.92 -22.80 30.30
CA LEU C 241 22.43 -22.69 30.40
C LEU C 241 22.02 -22.31 31.83
N GLU C 242 22.79 -22.74 32.83
CA GLU C 242 22.60 -22.34 34.26
C GLU C 242 22.90 -20.84 34.40
N ASN C 243 23.95 -20.35 33.74
CA ASN C 243 24.35 -18.91 33.76
C ASN C 243 23.26 -18.06 33.10
N PHE C 244 22.58 -18.59 32.08
CA PHE C 244 21.42 -17.96 31.42
C PHE C 244 20.26 -17.85 32.42
N ARG C 245 19.93 -18.97 33.10
CA ARG C 245 18.81 -19.07 34.07
C ARG C 245 19.01 -18.05 35.19
N LYS C 246 20.25 -17.85 35.64
CA LYS C 246 20.62 -16.89 36.72
C LYS C 246 20.47 -15.45 36.24
N ALA C 247 20.71 -15.21 34.95
CA ALA C 247 20.65 -13.87 34.31
C ALA C 247 19.21 -13.49 33.96
N MET C 248 18.34 -14.49 33.77
CA MET C 248 16.95 -14.33 33.26
C MET C 248 15.98 -14.17 34.42
N ASP C 249 14.94 -13.33 34.24
CA ASP C 249 13.75 -13.24 35.12
C ASP C 249 12.62 -14.07 34.49
N LYS C 250 11.42 -14.04 35.06
CA LYS C 250 10.25 -14.84 34.62
C LYS C 250 9.79 -14.41 33.22
N ASN C 251 10.04 -13.15 32.85
CA ASN C 251 9.57 -12.55 31.57
C ASN C 251 10.60 -12.78 30.45
N SER C 252 11.84 -13.16 30.80
CA SER C 252 12.97 -13.34 29.85
C SER C 252 12.73 -14.58 28.97
N SER C 253 13.26 -14.56 27.75
CA SER C 253 13.24 -15.69 26.78
C SER C 253 14.65 -15.94 26.22
N LEU C 254 15.06 -17.20 26.14
CA LEU C 254 16.35 -17.64 25.53
C LEU C 254 16.05 -18.44 24.27
N LEU C 255 16.56 -17.98 23.11
CA LEU C 255 16.48 -18.69 21.81
C LEU C 255 17.74 -19.53 21.64
N LEU C 256 17.64 -20.85 21.90
CA LEU C 256 18.71 -21.84 21.64
C LEU C 256 18.58 -22.31 20.18
N ILE C 257 19.42 -21.75 19.29
CA ILE C 257 19.43 -22.02 17.83
C ILE C 257 20.72 -22.81 17.51
N ASN C 258 20.60 -24.03 16.96
CA ASN C 258 21.74 -24.95 16.79
C ASN C 258 21.47 -25.92 15.64
N MET C 259 22.50 -26.23 14.84
CA MET C 259 22.52 -27.37 13.90
C MET C 259 22.19 -28.64 14.69
N VAL C 260 21.16 -29.38 14.27
CA VAL C 260 20.57 -30.51 15.06
C VAL C 260 20.91 -31.84 14.39
N LYS C 261 21.19 -32.87 15.21
CA LYS C 261 21.44 -34.26 14.76
C LYS C 261 20.12 -34.88 14.30
N GLU C 262 20.06 -35.31 13.04
CA GLU C 262 18.92 -36.09 12.47
C GLU C 262 19.48 -37.30 11.74
N PRO C 263 18.91 -38.51 11.94
CA PRO C 263 19.47 -39.74 11.39
C PRO C 263 19.69 -39.75 9.86
N GLU C 264 18.92 -38.94 9.13
CA GLU C 264 18.96 -38.86 7.63
C GLU C 264 20.30 -38.29 7.16
N PHE C 265 20.83 -37.29 7.87
CA PHE C 265 22.02 -36.48 7.47
C PHE C 265 23.29 -37.14 8.01
N SER C 266 24.45 -36.68 7.52
CA SER C 266 25.80 -37.25 7.79
C SER C 266 26.21 -37.01 9.24
N ARG C 267 27.00 -37.93 9.80
CA ARG C 267 27.60 -37.84 11.15
C ARG C 267 28.97 -37.14 11.08
N SER C 268 29.43 -36.77 9.88
CA SER C 268 30.79 -36.22 9.63
C SER C 268 31.04 -34.98 10.51
N PHE C 269 30.06 -34.08 10.61
CA PHE C 269 30.14 -32.82 11.39
C PHE C 269 30.29 -33.14 12.89
N ASP C 270 29.56 -34.15 13.38
CA ASP C 270 29.63 -34.62 14.79
C ASP C 270 31.08 -35.00 15.13
N ILE C 271 31.78 -35.66 14.20
CA ILE C 271 33.18 -36.12 14.38
C ILE C 271 34.11 -34.90 14.35
N LEU C 272 33.86 -33.93 13.47
CA LEU C 272 34.66 -32.67 13.37
C LEU C 272 34.59 -31.92 14.71
N MET C 273 33.40 -31.84 15.32
CA MET C 273 33.18 -31.15 16.62
C MET C 273 33.98 -31.86 17.72
N ASP C 274 34.08 -33.19 17.66
CA ASP C 274 34.90 -34.01 18.60
C ASP C 274 36.38 -33.64 18.42
N VAL C 275 36.85 -33.60 17.18
CA VAL C 275 38.28 -33.35 16.80
C VAL C 275 38.70 -31.95 17.26
N LEU C 276 37.85 -30.95 17.04
CA LEU C 276 38.21 -29.51 17.25
C LEU C 276 37.95 -29.06 18.69
N PHE C 277 36.92 -29.59 19.36
CA PHE C 277 36.37 -29.02 20.62
C PHE C 277 36.14 -30.07 21.72
N LEU C 278 36.23 -31.37 21.42
CA LEU C 278 35.58 -32.46 22.21
C LEU C 278 34.09 -32.13 22.37
N GLY C 279 33.50 -31.54 21.33
CA GLY C 279 32.05 -31.23 21.25
C GLY C 279 31.29 -32.35 20.58
N LYS C 280 30.02 -32.12 20.25
CA LYS C 280 29.14 -33.13 19.60
C LYS C 280 27.90 -32.43 19.03
N GLU C 281 27.29 -33.00 17.99
CA GLU C 281 25.99 -32.57 17.43
C GLU C 281 24.88 -33.33 18.18
N ARG C 282 23.95 -32.59 18.80
CA ARG C 282 22.89 -33.15 19.68
C ARG C 282 21.53 -33.11 18.97
N SER C 283 20.62 -33.99 19.37
CA SER C 283 19.21 -34.03 18.92
C SER C 283 18.37 -33.04 19.76
N PHE C 284 17.11 -32.82 19.37
CA PHE C 284 16.10 -32.02 20.12
C PHE C 284 16.00 -32.55 21.56
N THR C 285 15.87 -33.87 21.69
CA THR C 285 15.75 -34.61 22.97
C THR C 285 16.93 -34.25 23.90
N GLU C 286 18.15 -34.33 23.38
CA GLU C 286 19.42 -34.13 24.15
C GLU C 286 19.54 -32.67 24.59
N PHE C 287 19.15 -31.72 23.72
CA PHE C 287 19.15 -30.26 24.01
C PHE C 287 18.17 -29.95 25.15
N GLU C 288 16.98 -30.57 25.12
CA GLU C 288 15.90 -30.40 26.12
C GLU C 288 16.40 -30.87 27.50
N TYR C 289 17.07 -32.02 27.54
CA TYR C 289 17.63 -32.64 28.77
C TYR C 289 18.59 -31.65 29.45
N LEU C 290 19.53 -31.08 28.68
CA LEU C 290 20.55 -30.12 29.17
C LEU C 290 19.85 -28.88 29.74
N ALA C 291 18.84 -28.37 29.03
CA ALA C 291 18.02 -27.21 29.42
C ALA C 291 17.27 -27.51 30.72
N ASN C 292 16.67 -28.70 30.84
CA ASN C 292 15.92 -29.17 32.03
C ASN C 292 16.86 -29.25 33.24
N GLN C 293 18.06 -29.81 33.06
CA GLN C 293 19.09 -29.97 34.12
C GLN C 293 19.55 -28.59 34.62
N ALA C 294 19.59 -27.60 33.72
CA ALA C 294 20.02 -26.21 34.01
C ALA C 294 18.87 -25.41 34.66
N GLY C 295 17.65 -25.96 34.68
CA GLY C 295 16.47 -25.35 35.31
C GLY C 295 15.71 -24.46 34.34
N LEU C 296 15.74 -24.79 33.04
CA LEU C 296 15.01 -24.08 31.95
C LEU C 296 13.94 -25.02 31.37
N VAL C 297 12.81 -24.45 30.94
CA VAL C 297 11.64 -25.19 30.37
C VAL C 297 11.45 -24.77 28.92
N VAL C 298 11.08 -25.72 28.06
CA VAL C 298 10.83 -25.51 26.60
C VAL C 298 9.41 -24.96 26.42
N GLN C 299 9.28 -23.73 25.92
CA GLN C 299 7.99 -23.07 25.62
C GLN C 299 7.60 -23.30 24.16
N GLU C 300 8.59 -23.43 23.26
CA GLU C 300 8.39 -23.51 21.79
C GLU C 300 9.57 -24.24 21.14
N THR C 301 9.29 -25.12 20.17
CA THR C 301 10.29 -25.82 19.33
C THR C 301 9.89 -25.72 17.85
N LYS C 302 10.86 -25.43 16.96
CA LYS C 302 10.68 -25.39 15.49
C LYS C 302 11.91 -26.00 14.82
N VAL C 303 11.74 -26.57 13.63
CA VAL C 303 12.85 -27.06 12.74
C VAL C 303 13.01 -26.06 11.59
N ILE C 304 14.16 -25.39 11.51
CA ILE C 304 14.53 -24.45 10.41
C ILE C 304 15.40 -25.22 9.40
N ASP C 305 15.04 -25.17 8.12
CA ASP C 305 15.77 -25.83 7.00
C ASP C 305 16.83 -24.86 6.46
N GLN C 306 18.10 -25.26 6.52
CA GLN C 306 19.22 -24.63 5.78
C GLN C 306 19.81 -25.67 4.81
N SER C 307 20.43 -25.22 3.72
CA SER C 307 20.96 -26.06 2.63
C SER C 307 21.87 -27.17 3.18
N TYR C 308 22.73 -26.82 4.14
CA TYR C 308 23.86 -27.67 4.63
C TYR C 308 23.44 -28.52 5.84
N SER C 309 22.42 -28.11 6.59
CA SER C 309 21.98 -28.80 7.83
C SER C 309 20.58 -28.34 8.25
N PRO C 310 19.78 -29.23 8.91
CA PRO C 310 18.60 -28.77 9.64
C PRO C 310 19.04 -28.06 10.94
N TYR C 311 18.25 -27.08 11.38
CA TYR C 311 18.48 -26.30 12.63
C TYR C 311 17.35 -26.56 13.62
N SER C 312 17.69 -26.62 14.91
CA SER C 312 16.74 -26.72 16.05
C SER C 312 16.56 -25.33 16.66
N PHE C 313 15.34 -24.79 16.60
CA PHE C 313 14.93 -23.51 17.24
C PHE C 313 14.14 -23.85 18.52
N ILE C 314 14.77 -23.64 19.69
CA ILE C 314 14.19 -23.95 21.02
C ILE C 314 14.10 -22.66 21.84
N LYS C 315 12.86 -22.21 22.13
CA LYS C 315 12.57 -21.08 23.04
C LYS C 315 12.54 -21.60 24.48
N LEU C 316 13.42 -21.06 25.34
CA LEU C 316 13.57 -21.50 26.75
C LEU C 316 13.20 -20.35 27.70
N GLN C 317 12.52 -20.67 28.80
CA GLN C 317 12.22 -19.76 29.93
C GLN C 317 12.52 -20.49 31.25
N ILE C 318 12.77 -19.74 32.33
CA ILE C 318 13.09 -20.30 33.68
C ILE C 318 11.85 -21.04 34.20
N LYS C 319 12.05 -22.13 34.95
CA LYS C 319 10.99 -23.02 35.47
C LYS C 319 10.18 -22.28 36.54
N SER D 1 16.17 -53.28 -50.14
CA SER D 1 15.10 -53.80 -49.24
C SER D 1 14.31 -52.63 -48.64
N MET D 2 13.19 -52.94 -48.00
CA MET D 2 12.36 -51.95 -47.26
C MET D 2 13.08 -51.53 -45.97
N LEU D 3 13.90 -52.42 -45.40
CA LEU D 3 14.58 -52.20 -44.09
C LEU D 3 15.76 -51.25 -44.25
N THR D 4 16.63 -51.47 -45.23
CA THR D 4 17.87 -50.65 -45.44
C THR D 4 17.46 -49.20 -45.75
N GLU D 5 16.34 -49.00 -46.44
CA GLU D 5 15.81 -47.64 -46.75
C GLU D 5 15.11 -47.05 -45.52
N LEU D 6 14.55 -47.90 -44.64
CA LEU D 6 14.01 -47.48 -43.32
C LEU D 6 15.18 -47.02 -42.43
N ILE D 7 16.25 -47.81 -42.38
CA ILE D 7 17.53 -47.47 -41.67
C ILE D 7 18.04 -46.13 -42.20
N ALA D 8 17.92 -45.90 -43.52
CA ALA D 8 18.42 -44.71 -44.25
C ALA D 8 17.33 -43.63 -44.34
N SER D 9 16.37 -43.60 -43.42
CA SER D 9 15.27 -42.59 -43.37
C SER D 9 15.87 -41.18 -43.23
N ASN D 10 16.97 -41.04 -42.48
CA ASN D 10 17.69 -39.76 -42.24
C ASN D 10 18.03 -39.07 -43.57
N ARG D 11 18.32 -39.83 -44.62
CA ARG D 11 18.75 -39.31 -45.95
C ARG D 11 17.65 -38.43 -46.57
N ARG D 12 16.37 -38.77 -46.32
N ARG D 12 16.37 -38.76 -46.31
CA ARG D 12 15.19 -38.01 -46.79
CA ARG D 12 15.20 -38.00 -46.81
C ARG D 12 15.19 -36.62 -46.16
C ARG D 12 15.18 -36.61 -46.16
N SER D 13 15.34 -36.55 -44.83
CA SER D 13 15.39 -35.29 -44.04
C SER D 13 16.59 -34.44 -44.50
N ALA D 14 17.77 -35.06 -44.63
CA ALA D 14 19.05 -34.41 -44.99
C ALA D 14 18.96 -33.82 -46.41
N ALA D 15 18.28 -34.52 -47.33
CA ALA D 15 18.06 -34.09 -48.73
C ALA D 15 17.19 -32.82 -48.76
N ILE D 16 16.07 -32.83 -48.03
CA ILE D 16 15.13 -31.67 -47.93
C ILE D 16 15.88 -30.50 -47.30
N HIS D 17 16.68 -30.75 -46.27
CA HIS D 17 17.47 -29.72 -45.54
C HIS D 17 18.38 -28.96 -46.51
N ALA D 18 19.18 -29.70 -47.30
CA ALA D 18 20.13 -29.17 -48.30
C ALA D 18 19.36 -28.31 -49.32
N PHE D 19 18.17 -28.75 -49.72
CA PHE D 19 17.29 -28.07 -50.72
C PHE D 19 16.73 -26.77 -50.14
N VAL D 20 16.30 -26.78 -48.86
CA VAL D 20 15.58 -25.65 -48.22
C VAL D 20 16.59 -24.69 -47.56
N ASP D 21 17.53 -25.22 -46.78
CA ASP D 21 18.47 -24.42 -45.94
C ASP D 21 19.35 -23.52 -46.81
N THR D 22 19.72 -23.99 -48.01
CA THR D 22 20.54 -23.24 -49.01
C THR D 22 19.72 -22.11 -49.65
N GLY D 23 18.39 -22.20 -49.59
CA GLY D 23 17.47 -21.25 -50.24
C GLY D 23 17.21 -21.60 -51.70
N LEU D 24 17.65 -22.78 -52.14
CA LEU D 24 17.44 -23.28 -53.53
C LEU D 24 15.93 -23.45 -53.79
N SER D 25 15.17 -23.82 -52.76
CA SER D 25 13.70 -24.06 -52.82
C SER D 25 12.95 -22.74 -53.08
N THR D 26 13.55 -21.59 -52.76
CA THR D 26 12.94 -20.24 -52.93
C THR D 26 12.91 -19.84 -54.41
N HIS D 27 13.60 -20.61 -55.28
CA HIS D 27 13.58 -20.43 -56.76
C HIS D 27 12.37 -21.15 -57.37
N PHE D 28 11.57 -21.86 -56.57
CA PHE D 28 10.43 -22.71 -57.02
C PHE D 28 9.10 -22.10 -56.56
N LYS D 29 9.01 -20.76 -56.50
CA LYS D 29 7.80 -20.02 -56.04
C LYS D 29 6.68 -20.13 -57.09
N ASP D 30 5.43 -20.14 -56.63
CA ASP D 30 4.20 -20.05 -57.45
C ASP D 30 4.10 -21.25 -58.40
N GLY D 31 4.62 -22.41 -57.98
CA GLY D 31 4.54 -23.69 -58.72
C GLY D 31 5.12 -23.61 -60.12
N ILE D 32 6.15 -22.79 -60.34
CA ILE D 32 6.86 -22.67 -61.65
C ILE D 32 7.70 -23.94 -61.86
N TYR D 33 7.86 -24.37 -63.11
CA TYR D 33 8.76 -25.47 -63.52
C TYR D 33 10.15 -24.88 -63.78
N VAL D 34 11.11 -25.24 -62.93
CA VAL D 34 12.51 -24.69 -62.94
C VAL D 34 13.38 -25.55 -63.86
N ASP D 35 14.08 -24.90 -64.81
CA ASP D 35 15.15 -25.53 -65.63
C ASP D 35 16.44 -25.52 -64.79
N ILE D 36 16.95 -26.70 -64.43
CA ILE D 36 18.11 -26.87 -63.50
C ILE D 36 19.37 -26.33 -64.18
N SER D 37 19.47 -26.44 -65.50
CA SER D 37 20.58 -25.87 -66.30
C SER D 37 20.64 -24.35 -66.08
N GLU D 38 19.49 -23.67 -66.15
CA GLU D 38 19.36 -22.19 -65.98
C GLU D 38 19.61 -21.83 -64.51
N LEU D 39 19.02 -22.58 -63.57
CA LEU D 39 19.18 -22.36 -62.10
C LEU D 39 20.68 -22.45 -61.75
N SER D 40 21.38 -23.44 -62.31
CA SER D 40 22.84 -23.68 -62.11
C SER D 40 23.64 -22.47 -62.59
N ARG D 41 23.32 -21.93 -63.77
CA ARG D 41 23.98 -20.74 -64.37
C ARG D 41 23.71 -19.51 -63.48
N LYS D 42 22.48 -19.38 -62.97
CA LYS D 42 22.00 -18.19 -62.20
C LYS D 42 22.55 -18.23 -60.77
N SER D 43 22.37 -19.37 -60.06
CA SER D 43 22.63 -19.52 -58.60
C SER D 43 24.08 -19.97 -58.35
N GLY D 44 24.70 -20.66 -59.31
CA GLY D 44 26.07 -21.22 -59.18
C GLY D 44 26.07 -22.58 -58.52
N VAL D 45 24.90 -23.21 -58.38
CA VAL D 45 24.76 -24.61 -57.86
C VAL D 45 25.25 -25.56 -58.95
N ASN D 46 25.93 -26.66 -58.56
CA ASN D 46 26.48 -27.67 -59.50
C ASN D 46 25.31 -28.40 -60.18
N TYR D 47 25.23 -28.33 -61.52
CA TYR D 47 24.09 -28.85 -62.31
C TYR D 47 23.89 -30.36 -62.06
N ALA D 48 24.93 -31.16 -62.35
CA ALA D 48 24.89 -32.64 -62.36
C ALA D 48 24.50 -33.16 -60.97
N ARG D 49 25.10 -32.60 -59.92
CA ARG D 49 24.94 -33.06 -58.52
C ARG D 49 23.58 -32.62 -57.97
N PHE D 50 23.11 -31.42 -58.31
CA PHE D 50 21.78 -30.91 -57.87
C PHE D 50 20.67 -31.62 -58.65
N SER D 51 20.90 -31.94 -59.93
CA SER D 51 19.98 -32.72 -60.78
C SER D 51 19.70 -34.09 -60.15
N ARG D 52 20.74 -34.71 -59.57
CA ARG D 52 20.65 -36.01 -58.86
C ARG D 52 19.84 -35.84 -57.56
N LEU D 53 20.03 -34.72 -56.85
CA LEU D 53 19.24 -34.38 -55.63
C LEU D 53 17.77 -34.23 -56.02
N CYS D 54 17.50 -33.51 -57.12
CA CYS D 54 16.13 -33.27 -57.66
C CYS D 54 15.44 -34.60 -57.96
N ASP D 55 16.16 -35.57 -58.52
CA ASP D 55 15.64 -36.93 -58.83
C ASP D 55 15.19 -37.63 -57.54
N PHE D 56 15.95 -37.48 -56.45
CA PHE D 56 15.64 -38.06 -55.12
C PHE D 56 14.44 -37.32 -54.51
N LEU D 57 14.33 -36.01 -54.73
CA LEU D 57 13.21 -35.17 -54.23
C LEU D 57 11.92 -35.52 -54.98
N VAL D 58 12.01 -35.93 -56.25
CA VAL D 58 10.86 -36.43 -57.06
C VAL D 58 10.39 -37.76 -56.45
N GLU D 59 11.32 -38.68 -56.19
CA GLU D 59 11.09 -40.01 -55.55
C GLU D 59 10.30 -39.83 -54.25
N MET D 60 10.68 -38.82 -53.44
N MET D 60 10.67 -38.81 -53.45
CA MET D 60 10.06 -38.48 -52.14
CA MET D 60 10.04 -38.50 -52.14
C MET D 60 8.69 -37.81 -52.35
C MET D 60 8.70 -37.77 -52.33
N GLY D 61 8.48 -37.19 -53.51
CA GLY D 61 7.23 -36.48 -53.86
C GLY D 61 7.27 -35.00 -53.50
N VAL D 62 8.47 -34.48 -53.20
CA VAL D 62 8.70 -33.03 -52.89
C VAL D 62 8.67 -32.24 -54.20
N LEU D 63 9.34 -32.75 -55.23
CA LEU D 63 9.36 -32.15 -56.60
C LEU D 63 8.51 -33.01 -57.54
N VAL D 64 7.98 -32.40 -58.60
CA VAL D 64 7.27 -33.08 -59.72
C VAL D 64 8.02 -32.77 -61.02
N SER D 65 8.35 -33.80 -61.80
CA SER D 65 9.17 -33.72 -63.04
C SER D 65 8.25 -33.62 -64.27
N ASN D 66 8.58 -32.74 -65.21
CA ASN D 66 7.90 -32.60 -66.52
C ASN D 66 8.79 -31.80 -67.48
N ASP D 67 9.00 -32.32 -68.69
CA ASP D 67 9.78 -31.65 -69.78
C ASP D 67 11.21 -31.38 -69.30
N ASN D 68 11.77 -32.31 -68.51
CA ASN D 68 13.15 -32.23 -67.94
C ASN D 68 13.27 -31.03 -67.01
N LYS D 69 12.15 -30.58 -66.42
CA LYS D 69 12.08 -29.45 -65.45
C LYS D 69 11.40 -29.95 -64.18
N PHE D 70 11.55 -29.20 -63.07
CA PHE D 70 11.06 -29.57 -61.73
C PHE D 70 10.28 -28.39 -61.11
N ARG D 71 9.10 -28.67 -60.57
CA ARG D 71 8.33 -27.75 -59.70
C ARG D 71 8.13 -28.43 -58.34
N LEU D 72 7.91 -27.64 -57.29
CA LEU D 72 7.44 -28.14 -55.97
C LEU D 72 6.04 -28.73 -56.15
N SER D 73 5.77 -29.87 -55.52
CA SER D 73 4.41 -30.46 -55.40
C SER D 73 3.51 -29.44 -54.68
N ASP D 74 2.20 -29.51 -54.91
CA ASP D 74 1.19 -28.58 -54.32
C ASP D 74 1.37 -28.54 -52.80
N GLU D 75 1.57 -29.70 -52.16
CA GLU D 75 1.75 -29.86 -50.70
C GLU D 75 3.02 -29.15 -50.24
N CYS D 76 4.09 -29.20 -51.04
CA CYS D 76 5.46 -28.73 -50.68
C CYS D 76 5.72 -27.30 -51.19
N HIS D 77 4.68 -26.59 -51.62
CA HIS D 77 4.76 -25.16 -52.06
C HIS D 77 5.34 -24.31 -50.92
N VAL D 78 5.10 -24.71 -49.67
CA VAL D 78 5.56 -24.03 -48.42
C VAL D 78 7.08 -23.85 -48.43
N PHE D 79 7.83 -24.78 -49.03
CA PHE D 79 9.32 -24.77 -49.06
C PHE D 79 9.84 -23.59 -49.90
N ALA D 80 9.01 -23.04 -50.80
CA ALA D 80 9.33 -21.83 -51.60
C ALA D 80 9.34 -20.59 -50.69
N ASN D 81 8.62 -20.63 -49.56
CA ASN D 81 8.50 -19.53 -48.57
C ASN D 81 9.48 -19.78 -47.43
N PRO D 82 10.53 -18.94 -47.25
CA PRO D 82 11.46 -19.09 -46.13
C PRO D 82 10.82 -18.83 -44.75
N GLU D 83 9.66 -18.15 -44.73
CA GLU D 83 8.94 -17.75 -43.49
C GLU D 83 7.90 -18.81 -43.09
N SER D 84 7.72 -19.87 -43.89
CA SER D 84 6.79 -20.99 -43.61
C SER D 84 7.27 -21.78 -42.39
N PHE D 85 6.35 -22.38 -41.63
CA PHE D 85 6.67 -23.18 -40.42
C PHE D 85 7.49 -24.41 -40.85
N GLU D 86 7.20 -24.97 -42.03
CA GLU D 86 7.87 -26.17 -42.59
C GLU D 86 9.35 -25.86 -42.86
N SER D 87 9.67 -24.64 -43.28
CA SER D 87 11.05 -24.16 -43.55
C SER D 87 11.85 -24.10 -42.24
N PHE D 88 11.26 -23.53 -41.19
CA PHE D 88 11.88 -23.45 -39.83
C PHE D 88 12.01 -24.87 -39.24
N MET D 89 11.04 -25.74 -39.50
CA MET D 89 10.99 -27.13 -38.96
C MET D 89 12.22 -27.91 -39.43
N ILE D 90 12.48 -27.96 -40.73
CA ILE D 90 13.60 -28.76 -41.33
C ILE D 90 14.94 -28.18 -40.86
N LYS D 91 15.03 -26.85 -40.70
CA LYS D 91 16.27 -26.15 -40.27
C LYS D 91 16.67 -26.60 -38.85
N LEU D 92 15.68 -26.87 -37.99
CA LEU D 92 15.89 -27.35 -36.59
C LEU D 92 16.01 -28.88 -36.57
N GLU D 93 15.19 -29.57 -37.38
CA GLU D 93 14.98 -31.04 -37.33
C GLU D 93 16.33 -31.78 -37.28
N ILE D 94 17.26 -31.47 -38.20
CA ILE D 94 18.55 -32.21 -38.33
C ILE D 94 19.74 -31.26 -38.09
N CYS D 95 19.55 -30.15 -37.40
CA CYS D 95 20.66 -29.27 -36.93
C CYS D 95 21.54 -30.07 -35.97
N SER D 96 22.82 -29.71 -35.84
CA SER D 96 23.85 -30.46 -35.06
C SER D 96 23.34 -30.73 -33.64
N HIS D 97 22.64 -29.76 -33.03
CA HIS D 97 22.17 -29.81 -31.62
C HIS D 97 21.13 -30.92 -31.46
N TYR D 98 20.13 -30.98 -32.35
CA TYR D 98 19.06 -32.03 -32.36
C TYR D 98 19.72 -33.39 -32.62
N SER D 99 20.57 -33.46 -33.66
CA SER D 99 21.32 -34.67 -34.07
C SER D 99 22.12 -35.23 -32.88
N ASN D 100 22.89 -34.39 -32.19
CA ASN D 100 23.76 -34.78 -31.05
C ASN D 100 22.89 -35.20 -29.87
N ALA D 101 21.70 -34.60 -29.71
CA ALA D 101 20.69 -34.99 -28.70
C ALA D 101 20.22 -36.41 -28.97
N TRP D 102 19.84 -36.71 -30.22
CA TRP D 102 19.40 -38.06 -30.67
C TRP D 102 20.48 -39.11 -30.39
N LEU D 103 21.76 -38.74 -30.52
CA LEU D 103 22.92 -39.67 -30.32
C LEU D 103 23.08 -39.99 -28.82
N MET D 104 22.51 -39.17 -27.93
CA MET D 104 22.54 -39.39 -26.45
C MET D 104 21.25 -40.08 -26.00
N TYR D 105 20.27 -40.27 -26.89
CA TYR D 105 18.93 -40.83 -26.59
C TYR D 105 19.07 -42.24 -26.01
N GLY D 106 19.81 -43.11 -26.69
CA GLY D 106 20.08 -44.49 -26.26
C GLY D 106 20.59 -44.55 -24.82
N LYS D 107 21.61 -43.73 -24.51
N LYS D 107 21.62 -43.74 -24.52
CA LYS D 107 22.26 -43.70 -23.17
CA LYS D 107 22.28 -43.66 -23.19
C LYS D 107 21.34 -43.03 -22.15
C LYS D 107 21.31 -43.06 -22.17
N SER D 108 20.48 -42.10 -22.58
CA SER D 108 19.52 -41.37 -21.71
C SER D 108 18.45 -42.32 -21.14
N LEU D 109 18.17 -43.42 -21.85
CA LEU D 109 17.12 -44.41 -21.45
C LEU D 109 17.58 -45.25 -20.23
N PHE D 110 18.88 -45.24 -19.92
CA PHE D 110 19.50 -46.04 -18.82
C PHE D 110 19.80 -45.16 -17.59
N GLU D 111 19.56 -43.84 -17.68
CA GLU D 111 19.85 -42.85 -16.62
C GLU D 111 18.54 -42.46 -15.91
N ASP D 112 18.62 -42.15 -14.61
CA ASP D 112 17.46 -41.82 -13.75
C ASP D 112 17.74 -40.53 -12.97
N ASP D 113 18.48 -39.59 -13.58
CA ASP D 113 18.91 -38.31 -12.95
C ASP D 113 18.02 -37.15 -13.45
N GLY D 114 17.04 -37.45 -14.31
CA GLY D 114 16.11 -36.45 -14.88
C GLY D 114 16.80 -35.51 -15.86
N LYS D 115 17.88 -35.97 -16.50
CA LYS D 115 18.63 -35.23 -17.54
C LYS D 115 18.19 -35.73 -18.93
N SER D 116 17.64 -34.85 -19.76
CA SER D 116 17.26 -35.13 -21.16
C SER D 116 18.50 -35.51 -21.96
N ALA D 117 18.33 -36.27 -23.05
CA ALA D 117 19.38 -36.59 -24.05
C ALA D 117 20.03 -35.29 -24.53
N PHE D 118 19.23 -34.23 -24.70
CA PHE D 118 19.69 -32.87 -25.11
C PHE D 118 20.67 -32.31 -24.07
N GLU D 119 20.31 -32.38 -22.79
CA GLU D 119 21.15 -31.85 -21.68
C GLU D 119 22.46 -32.65 -21.59
N MET D 120 22.39 -33.98 -21.77
N MET D 120 22.38 -33.97 -21.77
CA MET D 120 23.56 -34.89 -21.76
CA MET D 120 23.55 -34.90 -21.76
C MET D 120 24.52 -34.52 -22.90
C MET D 120 24.51 -34.52 -22.90
N ALA D 121 23.99 -34.05 -24.03
CA ALA D 121 24.77 -33.65 -25.22
C ALA D 121 25.35 -32.23 -25.05
N HIS D 122 24.58 -31.31 -24.44
CA HIS D 122 24.81 -29.84 -24.55
C HIS D 122 25.12 -29.19 -23.18
N GLY D 123 24.86 -29.87 -22.06
CA GLY D 123 25.31 -29.45 -20.72
C GLY D 123 24.27 -28.63 -19.97
N ARG D 124 23.15 -28.28 -20.62
CA ARG D 124 21.99 -27.57 -19.99
C ARG D 124 20.69 -28.09 -20.59
N PRO D 125 19.55 -27.98 -19.88
CA PRO D 125 18.24 -28.30 -20.46
C PRO D 125 17.91 -27.35 -21.61
N PHE D 126 17.00 -27.77 -22.49
CA PHE D 126 16.69 -27.16 -23.81
C PHE D 126 16.61 -25.63 -23.71
N PHE D 127 15.66 -25.12 -22.91
CA PHE D 127 15.28 -23.68 -22.89
C PHE D 127 16.40 -22.84 -22.25
N GLU D 128 17.09 -23.37 -21.23
CA GLU D 128 18.27 -22.72 -20.59
C GLU D 128 19.39 -22.59 -21.62
N TYR D 129 19.59 -23.60 -22.47
CA TYR D 129 20.63 -23.62 -23.54
C TYR D 129 20.31 -22.58 -24.61
N LEU D 130 19.02 -22.46 -24.98
CA LEU D 130 18.53 -21.51 -26.03
C LEU D 130 18.84 -20.06 -25.62
N ASP D 131 18.89 -19.76 -24.31
CA ASP D 131 19.24 -18.42 -23.77
C ASP D 131 20.62 -17.99 -24.29
N GLY D 132 21.54 -18.95 -24.50
CA GLY D 132 22.93 -18.68 -24.93
C GLY D 132 23.22 -19.16 -26.34
N ASN D 133 22.20 -19.38 -27.17
CA ASN D 133 22.35 -19.83 -28.59
C ASN D 133 21.32 -19.12 -29.47
N LYS D 134 21.76 -18.14 -30.26
CA LYS D 134 20.91 -17.28 -31.12
C LYS D 134 20.23 -18.13 -32.21
N PHE D 135 20.98 -19.03 -32.86
CA PHE D 135 20.49 -19.89 -33.97
C PHE D 135 19.27 -20.69 -33.49
N LEU D 136 19.43 -21.45 -32.41
CA LEU D 136 18.38 -22.35 -31.84
C LEU D 136 17.17 -21.51 -31.40
N LYS D 137 17.39 -20.46 -30.60
CA LYS D 137 16.30 -19.64 -30.00
C LYS D 137 15.47 -18.98 -31.10
N SER D 138 16.12 -18.23 -31.99
CA SER D 138 15.48 -17.46 -33.09
C SER D 138 14.65 -18.40 -33.97
N ASN D 139 15.21 -19.54 -34.37
CA ASN D 139 14.56 -20.54 -35.26
C ASN D 139 13.43 -21.25 -34.52
N PHE D 140 13.64 -21.61 -33.24
CA PHE D 140 12.62 -22.29 -32.41
C PHE D 140 11.44 -21.33 -32.16
N ASP D 141 11.72 -20.11 -31.70
CA ASP D 141 10.71 -19.06 -31.41
C ASP D 141 9.93 -18.74 -32.70
N ALA D 142 10.62 -18.71 -33.84
CA ALA D 142 10.01 -18.48 -35.18
C ALA D 142 9.04 -19.61 -35.52
N LEU D 143 9.45 -20.87 -35.31
CA LEU D 143 8.62 -22.08 -35.58
C LEU D 143 7.32 -22.01 -34.76
N MET D 144 7.43 -21.69 -33.46
CA MET D 144 6.28 -21.57 -32.52
C MET D 144 5.36 -20.45 -32.99
N THR D 145 5.93 -19.33 -33.44
CA THR D 145 5.21 -18.14 -33.97
C THR D 145 4.36 -18.55 -35.19
N ARG D 146 4.92 -19.33 -36.12
CA ARG D 146 4.25 -19.71 -37.39
C ARG D 146 3.09 -20.67 -37.10
N VAL D 147 3.28 -21.67 -36.24
CA VAL D 147 2.23 -22.69 -35.90
C VAL D 147 1.14 -22.01 -35.04
N SER D 148 1.51 -21.00 -34.25
CA SER D 148 0.55 -20.15 -33.48
C SER D 148 -0.35 -19.37 -34.44
N ASN D 149 0.24 -18.74 -35.47
CA ASN D 149 -0.47 -17.96 -36.51
C ASN D 149 -1.53 -18.86 -37.18
N LEU D 150 -1.18 -20.11 -37.47
CA LEU D 150 -2.01 -21.06 -38.28
C LEU D 150 -3.31 -21.44 -37.54
N ILE D 151 -3.27 -21.59 -36.21
CA ILE D 151 -4.39 -22.15 -35.40
C ILE D 151 -5.38 -21.05 -35.00
N VAL D 152 -4.98 -19.78 -35.06
CA VAL D 152 -5.76 -18.61 -34.55
C VAL D 152 -7.19 -18.65 -35.12
N GLU D 153 -7.34 -18.80 -36.43
CA GLU D 153 -8.65 -18.72 -37.14
C GLU D 153 -9.62 -19.76 -36.54
N LYS D 154 -9.18 -21.01 -36.42
CA LYS D 154 -10.01 -22.13 -35.91
C LYS D 154 -10.30 -21.95 -34.42
N LEU D 155 -9.34 -21.40 -33.66
CA LEU D 155 -9.46 -21.17 -32.19
C LEU D 155 -10.54 -20.12 -31.92
N LEU D 156 -10.55 -19.02 -32.70
CA LEU D 156 -11.57 -17.94 -32.62
C LEU D 156 -12.94 -18.49 -33.05
N GLY D 157 -12.96 -19.48 -33.93
CA GLY D 157 -14.19 -20.10 -34.47
C GLY D 157 -14.92 -20.95 -33.43
N ILE D 158 -14.19 -21.63 -32.55
CA ILE D 158 -14.75 -22.66 -31.62
C ILE D 158 -15.04 -22.05 -30.24
N TYR D 159 -14.42 -20.92 -29.88
CA TYR D 159 -14.55 -20.29 -28.55
C TYR D 159 -14.84 -18.78 -28.69
N ASP D 160 -15.71 -18.26 -27.82
CA ASP D 160 -16.07 -16.83 -27.72
C ASP D 160 -15.06 -16.13 -26.80
N PHE D 161 -14.13 -15.36 -27.39
CA PHE D 161 -13.08 -14.59 -26.68
C PHE D 161 -13.61 -13.19 -26.31
N ASN D 162 -14.73 -12.78 -26.91
CA ASN D 162 -15.34 -11.43 -26.72
C ASN D 162 -15.96 -11.31 -25.32
N GLN D 163 -16.34 -12.44 -24.70
CA GLN D 163 -16.97 -12.48 -23.35
C GLN D 163 -15.96 -12.07 -22.28
N HIS D 164 -14.66 -12.27 -22.53
CA HIS D 164 -13.55 -12.07 -21.56
C HIS D 164 -13.09 -10.60 -21.58
N ASN D 165 -12.31 -10.21 -20.56
CA ASN D 165 -11.84 -8.82 -20.31
C ASN D 165 -10.30 -8.81 -20.23
N ARG D 166 -9.74 -9.61 -19.31
CA ARG D 166 -8.29 -9.69 -19.02
C ARG D 166 -7.77 -11.09 -19.39
N ILE D 167 -6.85 -11.17 -20.36
CA ILE D 167 -6.37 -12.44 -20.99
C ILE D 167 -4.85 -12.53 -20.83
N LEU D 168 -4.36 -13.62 -20.22
CA LEU D 168 -2.91 -13.93 -20.08
C LEU D 168 -2.60 -15.23 -20.83
N ASP D 169 -1.65 -15.19 -21.77
CA ASP D 169 -1.09 -16.38 -22.45
C ASP D 169 0.22 -16.76 -21.75
N VAL D 170 0.24 -17.90 -21.05
CA VAL D 170 1.38 -18.39 -20.23
C VAL D 170 2.29 -19.24 -21.11
N GLY D 171 3.59 -18.91 -21.15
CA GLY D 171 4.57 -19.51 -22.07
C GLY D 171 4.22 -19.21 -23.52
N GLY D 172 3.82 -17.97 -23.81
CA GLY D 172 3.30 -17.54 -25.12
C GLY D 172 4.40 -17.18 -26.10
N GLY D 173 5.67 -17.25 -25.70
CA GLY D 173 6.84 -17.05 -26.55
C GLY D 173 6.97 -15.60 -27.02
N GLU D 174 7.00 -15.38 -28.33
CA GLU D 174 7.08 -14.02 -28.96
C GLU D 174 5.72 -13.33 -28.85
N GLY D 175 4.67 -14.07 -28.47
CA GLY D 175 3.32 -13.54 -28.16
C GLY D 175 2.43 -13.48 -29.38
N GLU D 176 2.74 -14.27 -30.42
CA GLU D 176 2.05 -14.25 -31.74
C GLU D 176 0.56 -14.55 -31.56
N LEU D 177 0.21 -15.56 -30.76
CA LEU D 177 -1.19 -16.03 -30.56
C LEU D 177 -2.08 -14.84 -30.15
N LEU D 178 -1.70 -14.12 -29.09
CA LEU D 178 -2.52 -13.01 -28.52
C LEU D 178 -2.44 -11.76 -29.40
N VAL D 179 -1.28 -11.51 -30.03
CA VAL D 179 -1.09 -10.40 -31.01
C VAL D 179 -2.11 -10.57 -32.14
N ARG D 180 -2.26 -11.81 -32.64
CA ARG D 180 -3.19 -12.16 -33.75
C ARG D 180 -4.64 -12.10 -33.24
N ILE D 181 -4.92 -12.62 -32.04
CA ILE D 181 -6.28 -12.61 -31.41
C ILE D 181 -6.70 -11.16 -31.15
N SER D 182 -5.77 -10.30 -30.72
CA SER D 182 -6.03 -8.88 -30.35
C SER D 182 -6.48 -8.07 -31.58
N GLU D 183 -6.06 -8.47 -32.78
CA GLU D 183 -6.42 -7.80 -34.06
C GLU D 183 -7.86 -8.14 -34.46
N LYS D 184 -8.39 -9.26 -33.95
CA LYS D 184 -9.78 -9.74 -34.22
C LYS D 184 -10.70 -9.37 -33.05
N VAL D 185 -10.21 -9.49 -31.82
CA VAL D 185 -10.95 -9.20 -30.54
C VAL D 185 -10.29 -8.00 -29.86
N LYS D 186 -10.95 -6.83 -29.88
CA LYS D 186 -10.38 -5.54 -29.41
C LYS D 186 -11.06 -5.11 -28.11
N GLY D 187 -10.49 -4.12 -27.43
CA GLY D 187 -11.03 -3.52 -26.18
C GLY D 187 -10.77 -4.39 -24.96
N LYS D 188 -9.78 -5.30 -25.05
CA LYS D 188 -9.39 -6.22 -23.95
C LYS D 188 -7.99 -5.83 -23.45
N HIS D 189 -7.58 -6.36 -22.29
CA HIS D 189 -6.20 -6.27 -21.75
C HIS D 189 -5.48 -7.59 -22.03
N TYR D 190 -4.44 -7.54 -22.87
CA TYR D 190 -3.64 -8.72 -23.33
C TYR D 190 -2.28 -8.72 -22.62
N ALA D 191 -1.90 -9.86 -22.06
CA ALA D 191 -0.60 -10.09 -21.40
C ALA D 191 -0.02 -11.43 -21.88
N VAL D 192 1.31 -11.50 -22.04
CA VAL D 192 2.06 -12.73 -22.44
C VAL D 192 3.18 -12.96 -21.41
N LEU D 193 3.19 -14.11 -20.76
CA LEU D 193 4.25 -14.53 -19.79
C LEU D 193 5.17 -15.55 -20.46
N ASP D 194 6.48 -15.34 -20.34
CA ASP D 194 7.54 -16.28 -20.81
C ASP D 194 8.85 -15.92 -20.12
N ARG D 195 9.97 -16.54 -20.52
CA ARG D 195 11.33 -16.25 -20.00
C ARG D 195 12.00 -15.24 -20.95
N TYR D 196 12.02 -13.96 -20.55
CA TYR D 196 12.59 -12.83 -21.33
C TYR D 196 13.78 -12.22 -20.59
N SER D 197 14.97 -12.27 -21.21
CA SER D 197 16.17 -11.49 -20.78
C SER D 197 15.98 -10.02 -21.20
N GLU D 198 15.25 -9.81 -22.30
CA GLU D 198 14.81 -8.48 -22.80
C GLU D 198 13.33 -8.59 -23.20
N LEU D 199 12.47 -7.73 -22.64
CA LEU D 199 11.00 -7.76 -22.87
C LEU D 199 10.70 -7.42 -24.33
N PRO D 200 9.94 -8.27 -25.06
CA PRO D 200 9.40 -7.90 -26.36
C PRO D 200 8.49 -6.66 -26.27
N VAL D 201 8.37 -5.90 -27.37
CA VAL D 201 7.53 -4.68 -27.46
C VAL D 201 6.51 -4.87 -28.59
N SER D 202 5.22 -4.69 -28.27
CA SER D 202 4.08 -4.78 -29.23
C SER D 202 2.88 -4.01 -28.64
N ASP D 203 2.21 -3.22 -29.48
CA ASP D 203 1.08 -2.34 -29.09
C ASP D 203 -0.02 -3.19 -28.44
N ASN D 204 -0.42 -2.82 -27.22
CA ASN D 204 -1.56 -3.43 -26.45
C ASN D 204 -1.23 -4.89 -26.07
N ILE D 205 0.05 -5.20 -25.83
CA ILE D 205 0.51 -6.50 -25.25
C ILE D 205 1.41 -6.21 -24.04
N ASP D 206 1.03 -6.71 -22.86
CA ASP D 206 1.82 -6.61 -21.60
C ASP D 206 2.71 -7.85 -21.48
N PHE D 207 3.98 -7.73 -21.88
CA PHE D 207 4.98 -8.82 -21.83
C PHE D 207 5.54 -8.92 -20.40
N ILE D 208 5.47 -10.12 -19.82
CA ILE D 208 5.86 -10.41 -18.40
C ILE D 208 7.00 -11.44 -18.42
N ASN D 209 8.15 -11.09 -17.82
CA ASN D 209 9.23 -12.05 -17.49
C ASN D 209 8.81 -12.82 -16.24
N GLY D 210 8.51 -14.12 -16.38
CA GLY D 210 7.98 -14.95 -15.30
C GLY D 210 8.47 -16.39 -15.38
N ASN D 211 7.99 -17.23 -14.46
CA ASN D 211 8.34 -18.67 -14.34
C ASN D 211 7.09 -19.41 -13.83
N PHE D 212 6.39 -20.13 -14.73
CA PHE D 212 5.09 -20.79 -14.43
C PHE D 212 5.28 -21.98 -13.48
N LEU D 213 6.52 -22.39 -13.22
CA LEU D 213 6.86 -23.41 -12.19
C LEU D 213 6.70 -22.81 -10.79
N ASN D 214 6.92 -21.49 -10.65
CA ASN D 214 6.90 -20.78 -9.35
C ASN D 214 5.53 -20.14 -9.11
N SER D 215 5.01 -19.38 -10.08
CA SER D 215 3.77 -18.57 -9.92
C SER D 215 3.14 -18.20 -11.27
N ILE D 216 1.80 -18.15 -11.31
CA ILE D 216 0.98 -17.55 -12.40
C ILE D 216 0.35 -16.27 -11.82
N PRO D 217 0.49 -15.09 -12.48
CA PRO D 217 -0.16 -13.87 -12.01
C PRO D 217 -1.69 -14.01 -11.98
N SER D 218 -2.32 -13.62 -10.87
CA SER D 218 -3.79 -13.67 -10.66
C SER D 218 -4.45 -12.43 -11.27
N GLY D 219 -5.78 -12.41 -11.33
CA GLY D 219 -6.59 -11.24 -11.75
C GLY D 219 -7.03 -11.29 -13.20
N TYR D 220 -6.73 -12.38 -13.91
CA TYR D 220 -7.19 -12.63 -15.31
C TYR D 220 -8.37 -13.60 -15.29
N ASP D 221 -9.38 -13.34 -16.14
CA ASP D 221 -10.60 -14.17 -16.28
C ASP D 221 -10.41 -15.22 -17.38
N LEU D 222 -9.40 -15.04 -18.25
CA LEU D 222 -9.00 -16.04 -19.27
C LEU D 222 -7.49 -16.30 -19.17
N TYR D 223 -7.11 -17.58 -19.05
CA TYR D 223 -5.72 -18.09 -19.12
C TYR D 223 -5.58 -19.01 -20.33
N ILE D 224 -4.44 -18.94 -21.02
CA ILE D 224 -4.10 -19.81 -22.18
C ILE D 224 -2.75 -20.47 -21.89
N LEU D 225 -2.69 -21.81 -22.03
CA LEU D 225 -1.45 -22.62 -21.94
C LEU D 225 -1.39 -23.53 -23.18
N LYS D 226 -0.72 -23.06 -24.24
CA LYS D 226 -0.69 -23.73 -25.56
C LYS D 226 0.69 -24.37 -25.80
N ASN D 227 0.71 -25.69 -26.03
CA ASN D 227 1.91 -26.49 -26.38
C ASN D 227 3.04 -26.24 -25.35
N VAL D 228 2.71 -26.31 -24.06
CA VAL D 228 3.69 -26.18 -22.94
C VAL D 228 3.88 -27.56 -22.29
N LEU D 229 2.79 -28.22 -21.91
CA LEU D 229 2.79 -29.41 -21.00
C LEU D 229 3.59 -30.58 -21.59
N HIS D 230 3.69 -30.69 -22.93
CA HIS D 230 4.45 -31.81 -23.57
C HIS D 230 5.97 -31.58 -23.45
N ASN D 231 6.41 -30.48 -22.82
CA ASN D 231 7.82 -30.20 -22.48
C ASN D 231 8.12 -30.62 -21.02
N TRP D 232 7.14 -31.14 -20.29
CA TRP D 232 7.23 -31.31 -18.81
C TRP D 232 6.76 -32.70 -18.38
N SER D 233 7.34 -33.22 -17.29
CA SER D 233 6.94 -34.48 -16.60
C SER D 233 5.52 -34.32 -16.03
N ASP D 234 4.92 -35.42 -15.59
CA ASP D 234 3.55 -35.46 -15.00
C ASP D 234 3.52 -34.58 -13.74
N SER D 235 4.55 -34.69 -12.89
CA SER D 235 4.68 -33.94 -11.60
C SER D 235 4.82 -32.43 -11.88
N ASP D 236 5.68 -32.05 -12.83
CA ASP D 236 5.91 -30.63 -13.21
C ASP D 236 4.66 -30.07 -13.89
N SER D 237 3.97 -30.87 -14.70
CA SER D 237 2.69 -30.51 -15.37
C SER D 237 1.62 -30.22 -14.31
N ILE D 238 1.53 -31.07 -13.27
CA ILE D 238 0.60 -30.89 -12.12
C ILE D 238 0.96 -29.59 -11.39
N LEU D 239 2.24 -29.34 -11.16
CA LEU D 239 2.77 -28.13 -10.47
C LEU D 239 2.31 -26.87 -11.23
N ILE D 240 2.41 -26.87 -12.56
CA ILE D 240 2.01 -25.73 -13.45
C ILE D 240 0.50 -25.50 -13.30
N LEU D 241 -0.30 -26.56 -13.42
CA LEU D 241 -1.79 -26.50 -13.35
C LEU D 241 -2.24 -26.12 -11.94
N GLU D 242 -1.48 -26.51 -10.90
CA GLU D 242 -1.72 -26.11 -9.48
C GLU D 242 -1.54 -24.59 -9.35
N ASN D 243 -0.50 -24.03 -10.00
CA ASN D 243 -0.19 -22.57 -9.96
C ASN D 243 -1.31 -21.79 -10.66
N PHE D 244 -1.93 -22.37 -11.69
CA PHE D 244 -3.12 -21.80 -12.39
C PHE D 244 -4.30 -21.75 -11.41
N ARG D 245 -4.58 -22.88 -10.75
CA ARG D 245 -5.71 -23.04 -9.79
C ARG D 245 -5.58 -22.00 -8.66
N LYS D 246 -4.35 -21.75 -8.19
CA LYS D 246 -4.04 -20.78 -7.10
C LYS D 246 -4.20 -19.35 -7.61
N ALA D 247 -4.01 -19.12 -8.92
CA ALA D 247 -4.12 -17.80 -9.58
C ALA D 247 -5.57 -17.50 -9.98
N MET D 248 -6.37 -18.54 -10.19
CA MET D 248 -7.76 -18.46 -10.73
C MET D 248 -8.77 -18.33 -9.58
N ASP D 249 -9.85 -17.56 -9.81
CA ASP D 249 -11.07 -17.54 -8.97
C ASP D 249 -12.14 -18.38 -9.67
N LYS D 250 -13.37 -18.43 -9.14
CA LYS D 250 -14.47 -19.28 -9.65
C LYS D 250 -14.93 -18.80 -11.03
N ASN D 251 -14.68 -17.53 -11.37
CA ASN D 251 -15.12 -16.90 -12.64
C ASN D 251 -14.03 -17.04 -13.72
N SER D 252 -12.83 -17.50 -13.36
CA SER D 252 -11.67 -17.65 -14.28
C SER D 252 -11.83 -18.90 -15.16
N SER D 253 -11.30 -18.86 -16.38
CA SER D 253 -11.24 -19.98 -17.35
C SER D 253 -9.80 -20.19 -17.80
N LEU D 254 -9.36 -21.45 -17.93
CA LEU D 254 -8.03 -21.84 -18.46
C LEU D 254 -8.23 -22.68 -19.73
N LEU D 255 -7.78 -22.17 -20.87
CA LEU D 255 -7.80 -22.89 -22.17
C LEU D 255 -6.50 -23.68 -22.32
N LEU D 256 -6.54 -24.99 -22.03
CA LEU D 256 -5.42 -25.93 -22.22
C LEU D 256 -5.45 -26.46 -23.65
N ILE D 257 -4.58 -25.94 -24.51
CA ILE D 257 -4.53 -26.24 -25.98
C ILE D 257 -3.20 -26.94 -26.28
N ASN D 258 -3.25 -28.19 -26.75
CA ASN D 258 -2.05 -29.03 -26.99
C ASN D 258 -2.27 -29.92 -28.22
N MET D 259 -1.20 -30.18 -28.98
CA MET D 259 -1.10 -31.34 -29.91
C MET D 259 -1.40 -32.60 -29.10
N VAL D 260 -2.41 -33.37 -29.50
CA VAL D 260 -2.97 -34.50 -28.69
C VAL D 260 -2.54 -35.83 -29.31
N LYS D 261 -2.22 -36.82 -28.47
CA LYS D 261 -1.90 -38.21 -28.87
C LYS D 261 -3.18 -38.90 -29.35
N GLU D 262 -3.23 -39.29 -30.63
CA GLU D 262 -4.32 -40.11 -31.22
C GLU D 262 -3.70 -41.31 -31.93
N PRO D 263 -4.24 -42.54 -31.73
CA PRO D 263 -3.64 -43.76 -32.27
C PRO D 263 -3.34 -43.74 -33.79
N GLU D 264 -4.12 -42.98 -34.56
CA GLU D 264 -4.02 -42.90 -36.04
C GLU D 264 -2.68 -42.28 -36.45
N PHE D 265 -2.25 -41.24 -35.74
CA PHE D 265 -1.08 -40.37 -36.09
C PHE D 265 0.21 -40.96 -35.50
N SER D 266 1.35 -40.45 -35.98
CA SER D 266 2.72 -40.96 -35.69
C SER D 266 3.10 -40.69 -34.23
N ARG D 267 3.91 -41.57 -33.65
CA ARG D 267 4.47 -41.46 -32.28
C ARG D 267 5.82 -40.75 -32.30
N SER D 268 6.30 -40.34 -33.49
CA SER D 268 7.65 -39.74 -33.70
C SER D 268 7.84 -38.50 -32.81
N PHE D 269 6.82 -37.63 -32.74
CA PHE D 269 6.84 -36.36 -31.97
C PHE D 269 6.96 -36.67 -30.47
N ASP D 270 6.26 -37.69 -29.98
CA ASP D 270 6.32 -38.15 -28.56
C ASP D 270 7.77 -38.49 -28.20
N ILE D 271 8.50 -39.14 -29.11
CA ILE D 271 9.92 -39.56 -28.90
C ILE D 271 10.81 -38.33 -28.90
N LEU D 272 10.56 -37.36 -29.80
CA LEU D 272 11.33 -36.08 -29.88
C LEU D 272 11.20 -35.33 -28.54
N MET D 273 9.98 -35.29 -27.98
CA MET D 273 9.69 -34.59 -26.69
C MET D 273 10.48 -35.27 -25.56
N ASP D 274 10.69 -36.58 -25.62
CA ASP D 274 11.51 -37.35 -24.65
C ASP D 274 12.97 -36.94 -24.80
N VAL D 275 13.48 -36.92 -26.03
CA VAL D 275 14.90 -36.61 -26.37
C VAL D 275 15.24 -35.19 -25.90
N LEU D 276 14.36 -34.22 -26.16
CA LEU D 276 14.66 -32.77 -25.98
C LEU D 276 14.32 -32.31 -24.56
N PHE D 277 13.29 -32.86 -23.92
CA PHE D 277 12.68 -32.29 -22.68
C PHE D 277 12.47 -33.34 -21.57
N LEU D 278 12.64 -34.64 -21.85
CA LEU D 278 12.03 -35.74 -21.06
C LEU D 278 10.53 -35.48 -20.94
N GLY D 279 9.92 -34.92 -22.00
CA GLY D 279 8.47 -34.67 -22.09
C GLY D 279 7.77 -35.82 -22.77
N LYS D 280 6.50 -35.63 -23.13
CA LYS D 280 5.65 -36.66 -23.78
C LYS D 280 4.41 -36.00 -24.38
N GLU D 281 3.86 -36.59 -25.45
CA GLU D 281 2.55 -36.19 -26.02
C GLU D 281 1.47 -37.02 -25.31
N ARG D 282 0.46 -36.36 -24.76
CA ARG D 282 -0.60 -36.99 -23.93
C ARG D 282 -1.94 -36.98 -24.70
N SER D 283 -2.83 -37.92 -24.37
CA SER D 283 -4.24 -37.97 -24.82
C SER D 283 -5.07 -36.99 -23.96
N PHE D 284 -6.34 -36.80 -24.33
N PHE D 284 -6.34 -36.80 -24.30
CA PHE D 284 -7.36 -36.03 -23.58
CA PHE D 284 -7.29 -35.97 -23.52
C PHE D 284 -7.46 -36.56 -22.14
C PHE D 284 -7.45 -36.56 -22.11
N THR D 285 -7.58 -37.89 -22.02
CA THR D 285 -7.73 -38.64 -20.75
C THR D 285 -6.57 -38.32 -19.81
N GLU D 286 -5.34 -38.31 -20.32
CA GLU D 286 -4.10 -38.07 -19.54
C GLU D 286 -4.02 -36.59 -19.11
N PHE D 287 -4.46 -35.67 -19.98
CA PHE D 287 -4.53 -34.21 -19.69
C PHE D 287 -5.57 -33.96 -18.59
N GLU D 288 -6.75 -34.58 -18.70
CA GLU D 288 -7.87 -34.44 -17.73
C GLU D 288 -7.41 -34.91 -16.35
N TYR D 289 -6.67 -36.03 -16.28
CA TYR D 289 -6.13 -36.61 -15.03
C TYR D 289 -5.22 -35.58 -14.33
N LEU D 290 -4.29 -34.99 -15.08
CA LEU D 290 -3.31 -33.98 -14.56
C LEU D 290 -4.08 -32.76 -14.02
N ALA D 291 -5.09 -32.31 -14.75
CA ALA D 291 -5.97 -31.16 -14.38
C ALA D 291 -6.73 -31.49 -13.08
N ASN D 292 -7.25 -32.71 -12.97
CA ASN D 292 -8.01 -33.20 -11.77
C ASN D 292 -7.08 -33.23 -10.55
N GLN D 293 -5.86 -33.75 -10.72
CA GLN D 293 -4.84 -33.86 -9.63
C GLN D 293 -4.45 -32.47 -9.14
N ALA D 294 -4.44 -31.47 -10.04
CA ALA D 294 -4.11 -30.06 -9.75
C ALA D 294 -5.29 -29.33 -9.10
N GLY D 295 -6.50 -29.91 -9.19
CA GLY D 295 -7.73 -29.37 -8.59
C GLY D 295 -8.52 -28.52 -9.57
N LEU D 296 -8.47 -28.85 -10.87
CA LEU D 296 -9.22 -28.18 -11.96
C LEU D 296 -10.23 -29.18 -12.56
N VAL D 297 -11.34 -28.67 -13.08
CA VAL D 297 -12.47 -29.48 -13.64
C VAL D 297 -12.63 -29.13 -15.13
N VAL D 298 -12.90 -30.14 -15.96
CA VAL D 298 -13.14 -30.01 -17.43
C VAL D 298 -14.58 -29.54 -17.64
N GLN D 299 -14.77 -28.35 -18.21
CA GLN D 299 -16.09 -27.73 -18.50
C GLN D 299 -16.46 -27.95 -19.97
N GLU D 300 -15.47 -28.00 -20.87
CA GLU D 300 -15.67 -28.16 -22.34
C GLU D 300 -14.42 -28.79 -22.97
N THR D 301 -14.62 -29.77 -23.85
CA THR D 301 -13.57 -30.43 -24.67
C THR D 301 -13.94 -30.34 -26.15
N LYS D 302 -12.98 -30.00 -27.01
CA LYS D 302 -13.13 -29.94 -28.49
C LYS D 302 -11.81 -30.36 -29.15
N VAL D 303 -11.91 -30.95 -30.35
CA VAL D 303 -10.74 -31.33 -31.19
C VAL D 303 -10.62 -30.31 -32.33
N ILE D 304 -9.52 -29.55 -32.36
CA ILE D 304 -9.13 -28.65 -33.48
C ILE D 304 -8.20 -29.45 -34.41
N ASP D 305 -8.53 -29.54 -35.70
CA ASP D 305 -7.71 -30.24 -36.72
C ASP D 305 -6.74 -29.22 -37.33
N GLN D 306 -5.43 -29.50 -37.26
CA GLN D 306 -4.36 -28.76 -37.98
C GLN D 306 -3.69 -29.73 -38.95
N SER D 307 -3.09 -29.20 -40.02
CA SER D 307 -2.46 -29.98 -41.12
C SER D 307 -1.53 -31.06 -40.56
N TYR D 308 -0.74 -30.72 -39.54
CA TYR D 308 0.41 -31.52 -39.03
C TYR D 308 0.03 -32.36 -37.82
N SER D 309 -1.05 -32.01 -37.09
CA SER D 309 -1.45 -32.69 -35.84
C SER D 309 -2.89 -32.34 -35.46
N PRO D 310 -3.64 -33.26 -34.83
CA PRO D 310 -4.87 -32.89 -34.13
C PRO D 310 -4.53 -32.17 -32.82
N TYR D 311 -5.35 -31.20 -32.41
CA TYR D 311 -5.18 -30.41 -31.17
C TYR D 311 -6.33 -30.73 -30.20
N SER D 312 -6.01 -30.78 -28.90
CA SER D 312 -6.97 -30.89 -27.79
C SER D 312 -7.25 -29.49 -27.23
N PHE D 313 -8.51 -29.05 -27.28
CA PHE D 313 -9.02 -27.79 -26.66
C PHE D 313 -9.79 -28.17 -25.40
N ILE D 314 -9.20 -27.94 -24.22
CA ILE D 314 -9.79 -28.27 -22.88
C ILE D 314 -9.98 -26.96 -22.10
N LYS D 315 -11.23 -26.60 -21.83
CA LYS D 315 -11.60 -25.44 -20.95
C LYS D 315 -11.67 -25.93 -19.50
N LEU D 316 -10.81 -25.39 -18.63
CA LEU D 316 -10.66 -25.80 -17.21
C LEU D 316 -11.12 -24.66 -16.29
N GLN D 317 -11.75 -25.03 -15.17
CA GLN D 317 -12.14 -24.11 -14.06
C GLN D 317 -11.86 -24.79 -12.73
N ILE D 318 -11.64 -24.02 -11.66
CA ILE D 318 -11.29 -24.53 -10.30
C ILE D 318 -12.46 -25.37 -9.77
N LYS D 319 -12.16 -26.40 -8.98
CA LYS D 319 -13.14 -27.39 -8.45
C LYS D 319 -13.98 -26.72 -7.35
#